data_7BZH
#
_entry.id   7BZH
#
_entity_poly.entity_id   1
_entity_poly.type   'polypeptide(L)'
_entity_poly.pdbx_seq_one_letter_code
;MEDVKQSVEKIIKDREWVTFNDLLKYIPYPAPEVYDALSQLIKENKVGRRGRYFYYIKR
;
_entity_poly.pdbx_strand_id   A
#
# COMPACT_ATOMS: atom_id res chain seq x y z
N MET A 1 6.97 12.76 3.62
CA MET A 1 7.16 12.79 2.15
C MET A 1 8.06 11.64 1.72
N GLU A 2 7.50 10.44 1.67
CA GLU A 2 8.27 9.24 1.39
C GLU A 2 7.92 8.66 0.02
N ASP A 3 7.74 9.56 -0.96
CA ASP A 3 7.57 9.17 -2.35
C ASP A 3 6.36 8.25 -2.53
N VAL A 4 6.61 7.04 -3.02
CA VAL A 4 5.56 6.04 -3.25
C VAL A 4 4.68 5.86 -2.03
N LYS A 5 5.29 5.84 -0.84
CA LYS A 5 4.57 5.54 0.39
C LYS A 5 3.36 6.43 0.55
N GLN A 6 3.50 7.70 0.17
CA GLN A 6 2.42 8.68 0.34
C GLN A 6 1.19 8.28 -0.46
N SER A 7 1.41 7.69 -1.62
CA SER A 7 0.31 7.24 -2.46
C SER A 7 -0.19 5.87 -1.98
N VAL A 8 0.77 5.00 -1.67
CA VAL A 8 0.46 3.64 -1.23
C VAL A 8 -0.43 3.65 0.01
N GLU A 9 0.01 4.35 1.05
CA GLU A 9 -0.75 4.39 2.31
C GLU A 9 -2.14 4.96 2.09
N LYS A 10 -2.23 5.97 1.23
CA LYS A 10 -3.50 6.63 0.96
C LYS A 10 -4.49 5.66 0.31
N ILE A 11 -4.04 4.97 -0.73
CA ILE A 11 -4.91 4.07 -1.48
C ILE A 11 -5.43 2.95 -0.58
N ILE A 12 -4.57 2.43 0.28
CA ILE A 12 -4.98 1.39 1.22
C ILE A 12 -6.04 1.93 2.17
N LYS A 13 -5.85 3.16 2.63
CA LYS A 13 -6.79 3.81 3.54
C LYS A 13 -8.10 4.12 2.84
N ASP A 14 -8.02 4.49 1.57
CA ASP A 14 -9.19 4.89 0.79
C ASP A 14 -10.01 3.67 0.38
N ARG A 15 -9.35 2.63 -0.09
CA ARG A 15 -10.04 1.46 -0.62
C ARG A 15 -10.25 0.38 0.44
N GLU A 16 -9.63 0.58 1.60
CA GLU A 16 -9.71 -0.37 2.72
C GLU A 16 -8.90 -1.63 2.45
N TRP A 17 -9.23 -2.32 1.36
CA TRP A 17 -8.50 -3.50 0.94
C TRP A 17 -8.23 -3.44 -0.56
N VAL A 18 -6.97 -3.51 -0.93
CA VAL A 18 -6.54 -3.37 -2.32
C VAL A 18 -5.49 -4.40 -2.66
N THR A 19 -5.54 -4.93 -3.87
CA THR A 19 -4.53 -5.88 -4.33
C THR A 19 -3.27 -5.15 -4.79
N PHE A 20 -2.15 -5.86 -4.87
CA PHE A 20 -0.90 -5.22 -5.29
C PHE A 20 -1.06 -4.64 -6.69
N ASN A 21 -1.77 -5.37 -7.53
CA ASN A 21 -2.00 -4.95 -8.91
C ASN A 21 -2.96 -3.76 -8.96
N ASP A 22 -3.79 -3.62 -7.94
CA ASP A 22 -4.73 -2.50 -7.88
C ASP A 22 -3.97 -1.21 -7.63
N LEU A 23 -2.98 -1.29 -6.75
CA LEU A 23 -2.10 -0.16 -6.47
C LEU A 23 -1.43 0.32 -7.75
N LEU A 24 -1.04 -0.62 -8.59
CA LEU A 24 -0.34 -0.32 -9.84
C LEU A 24 -1.23 0.45 -10.82
N LYS A 25 -2.53 0.35 -10.64
CA LYS A 25 -3.48 1.01 -11.52
C LYS A 25 -3.62 2.49 -11.15
N TYR A 26 -3.37 2.80 -9.89
CA TYR A 26 -3.48 4.17 -9.39
C TYR A 26 -2.09 4.79 -9.23
N ILE A 27 -1.10 3.94 -9.03
CA ILE A 27 0.27 4.35 -8.84
C ILE A 27 1.10 4.08 -10.09
N PRO A 28 1.57 5.14 -10.76
CA PRO A 28 2.37 5.01 -11.98
C PRO A 28 3.85 4.70 -11.69
N TYR A 29 4.13 4.43 -10.43
CA TYR A 29 5.48 4.10 -9.99
C TYR A 29 5.71 2.60 -10.07
N PRO A 30 6.88 2.21 -10.62
CA PRO A 30 7.33 0.81 -10.68
C PRO A 30 6.98 0.01 -9.43
N ALA A 31 6.63 -1.26 -9.65
CA ALA A 31 6.23 -2.16 -8.57
C ALA A 31 7.28 -2.25 -7.45
N PRO A 32 8.59 -2.39 -7.76
CA PRO A 32 9.64 -2.46 -6.74
C PRO A 32 9.62 -1.25 -5.79
N GLU A 33 9.10 -0.13 -6.28
CA GLU A 33 9.02 1.08 -5.50
C GLU A 33 7.86 0.99 -4.50
N VAL A 34 6.66 0.80 -5.03
CA VAL A 34 5.45 0.72 -4.21
C VAL A 34 5.49 -0.50 -3.28
N TYR A 35 6.08 -1.60 -3.75
CA TYR A 35 6.18 -2.81 -2.95
C TYR A 35 6.98 -2.54 -1.67
N ASP A 36 8.08 -1.82 -1.81
CA ASP A 36 8.93 -1.48 -0.67
C ASP A 36 8.24 -0.48 0.22
N ALA A 37 7.67 0.54 -0.40
CA ALA A 37 6.89 1.54 0.31
C ALA A 37 5.78 0.88 1.13
N LEU A 38 5.13 -0.10 0.52
CA LEU A 38 4.07 -0.88 1.18
C LEU A 38 4.59 -1.51 2.45
N SER A 39 5.72 -2.22 2.36
CA SER A 39 6.28 -2.93 3.50
C SER A 39 6.65 -1.96 4.63
N GLN A 40 6.74 -0.68 4.32
CA GLN A 40 6.98 0.34 5.32
C GLN A 40 5.70 0.56 6.14
N LEU A 41 4.57 0.71 5.46
CA LEU A 41 3.29 0.90 6.16
C LEU A 41 2.89 -0.37 6.89
N ILE A 42 3.21 -1.51 6.29
CA ILE A 42 2.94 -2.80 6.91
C ILE A 42 3.75 -2.94 8.20
N LYS A 43 5.01 -2.53 8.12
CA LYS A 43 5.89 -2.50 9.28
C LYS A 43 5.35 -1.55 10.36
N GLU A 44 4.77 -0.44 9.92
CA GLU A 44 4.23 0.55 10.85
C GLU A 44 2.83 0.17 11.33
N ASN A 45 2.42 -1.07 11.03
CA ASN A 45 1.13 -1.60 11.44
C ASN A 45 -0.03 -0.76 10.93
N LYS A 46 0.16 -0.18 9.76
CA LYS A 46 -0.89 0.60 9.12
C LYS A 46 -1.57 -0.23 8.05
N VAL A 47 -0.78 -1.00 7.34
CA VAL A 47 -1.30 -1.89 6.30
C VAL A 47 -0.92 -3.33 6.61
N GLY A 48 -1.81 -4.25 6.32
CA GLY A 48 -1.52 -5.65 6.54
C GLY A 48 -1.70 -6.46 5.28
N ARG A 49 -0.84 -7.45 5.09
CA ARG A 49 -0.95 -8.34 3.94
C ARG A 49 -1.91 -9.47 4.25
N ARG A 50 -2.98 -9.51 3.50
CA ARG A 50 -4.00 -10.52 3.68
C ARG A 50 -4.18 -11.31 2.38
N GLY A 51 -3.23 -12.20 2.13
CA GLY A 51 -3.25 -12.98 0.92
C GLY A 51 -2.73 -12.20 -0.27
N ARG A 52 -3.61 -11.94 -1.22
CA ARG A 52 -3.22 -11.21 -2.42
C ARG A 52 -3.54 -9.73 -2.29
N TYR A 53 -4.34 -9.39 -1.28
CA TYR A 53 -4.75 -8.01 -1.07
C TYR A 53 -4.27 -7.48 0.27
N PHE A 54 -4.18 -6.17 0.35
CA PHE A 54 -3.70 -5.49 1.54
C PHE A 54 -4.84 -4.70 2.17
N TYR A 55 -4.97 -4.80 3.49
CA TYR A 55 -6.02 -4.11 4.21
C TYR A 55 -5.41 -3.09 5.15
N TYR A 56 -6.12 -2.00 5.39
CA TYR A 56 -5.69 -1.02 6.37
C TYR A 56 -6.02 -1.54 7.77
N ILE A 57 -5.00 -1.68 8.59
CA ILE A 57 -5.19 -2.23 9.92
C ILE A 57 -5.87 -1.21 10.82
N LYS A 58 -6.91 -1.69 11.51
CA LYS A 58 -7.71 -0.88 12.41
C LYS A 58 -6.84 -0.16 13.44
N ARG A 59 -7.18 1.10 13.69
CA ARG A 59 -6.46 1.91 14.66
C ARG A 59 -7.36 2.22 15.86
N MET A 1 6.61 13.83 1.81
CA MET A 1 7.32 13.69 0.53
C MET A 1 7.98 12.31 0.42
N GLU A 2 7.27 11.28 0.83
CA GLU A 2 7.81 9.93 0.86
C GLU A 2 7.53 9.19 -0.44
N ASP A 3 7.38 9.95 -1.53
CA ASP A 3 7.26 9.41 -2.87
C ASP A 3 6.08 8.43 -2.98
N VAL A 4 6.41 7.16 -3.16
CA VAL A 4 5.42 6.11 -3.30
C VAL A 4 4.55 5.99 -2.06
N LYS A 5 5.20 5.99 -0.90
CA LYS A 5 4.55 5.64 0.36
C LYS A 5 3.33 6.52 0.63
N GLN A 6 3.44 7.81 0.30
CA GLN A 6 2.37 8.75 0.54
C GLN A 6 1.12 8.43 -0.28
N SER A 7 1.32 7.84 -1.45
CA SER A 7 0.21 7.43 -2.28
C SER A 7 -0.23 6.01 -1.92
N VAL A 8 0.75 5.16 -1.60
CA VAL A 8 0.47 3.77 -1.25
C VAL A 8 -0.44 3.69 -0.05
N GLU A 9 -0.04 4.31 1.06
CA GLU A 9 -0.82 4.24 2.30
C GLU A 9 -2.21 4.84 2.08
N LYS A 10 -2.29 5.83 1.21
CA LYS A 10 -3.56 6.50 0.94
C LYS A 10 -4.54 5.56 0.24
N ILE A 11 -4.09 4.88 -0.80
CA ILE A 11 -4.96 3.97 -1.54
C ILE A 11 -5.48 2.86 -0.62
N ILE A 12 -4.60 2.38 0.25
CA ILE A 12 -4.99 1.37 1.23
C ILE A 12 -6.07 1.91 2.18
N LYS A 13 -5.93 3.16 2.58
CA LYS A 13 -6.92 3.81 3.45
C LYS A 13 -8.22 4.04 2.70
N ASP A 14 -8.09 4.56 1.49
CA ASP A 14 -9.23 4.97 0.67
C ASP A 14 -10.09 3.77 0.28
N ARG A 15 -9.44 2.67 -0.07
CA ARG A 15 -10.15 1.50 -0.58
C ARG A 15 -10.29 0.41 0.47
N GLU A 16 -9.56 0.55 1.58
CA GLU A 16 -9.56 -0.43 2.67
C GLU A 16 -8.89 -1.73 2.25
N TRP A 17 -9.44 -2.38 1.24
CA TRP A 17 -8.93 -3.65 0.73
C TRP A 17 -8.50 -3.51 -0.72
N VAL A 18 -7.20 -3.56 -0.97
CA VAL A 18 -6.66 -3.39 -2.31
C VAL A 18 -5.54 -4.39 -2.55
N THR A 19 -5.46 -4.92 -3.76
CA THR A 19 -4.39 -5.86 -4.12
C THR A 19 -3.19 -5.10 -4.68
N PHE A 20 -2.03 -5.75 -4.70
CA PHE A 20 -0.82 -5.08 -5.20
C PHE A 20 -1.01 -4.66 -6.65
N ASN A 21 -1.67 -5.52 -7.42
CA ASN A 21 -1.92 -5.24 -8.83
C ASN A 21 -2.93 -4.11 -8.99
N ASP A 22 -3.80 -3.95 -7.99
CA ASP A 22 -4.77 -2.85 -7.99
C ASP A 22 -4.03 -1.54 -7.75
N LEU A 23 -3.08 -1.59 -6.82
CA LEU A 23 -2.22 -0.44 -6.52
C LEU A 23 -1.53 0.07 -7.77
N LEU A 24 -0.93 -0.83 -8.54
CA LEU A 24 -0.14 -0.47 -9.71
C LEU A 24 -0.94 0.36 -10.71
N LYS A 25 -2.25 0.17 -10.74
CA LYS A 25 -3.09 0.86 -11.67
C LYS A 25 -3.27 2.32 -11.27
N TYR A 26 -3.15 2.57 -9.97
CA TYR A 26 -3.33 3.91 -9.41
C TYR A 26 -1.99 4.46 -8.93
N ILE A 27 -0.95 3.66 -9.13
CA ILE A 27 0.41 4.04 -8.77
C ILE A 27 1.28 4.08 -10.03
N PRO A 28 1.55 5.28 -10.54
CA PRO A 28 2.41 5.48 -11.73
C PRO A 28 3.89 5.22 -11.43
N TYR A 29 4.14 4.74 -10.22
CA TYR A 29 5.49 4.48 -9.75
C TYR A 29 5.83 3.01 -9.94
N PRO A 30 7.03 2.72 -10.46
CA PRO A 30 7.55 1.35 -10.60
C PRO A 30 7.19 0.45 -9.43
N ALA A 31 6.83 -0.78 -9.77
CA ALA A 31 6.34 -1.76 -8.82
C ALA A 31 7.28 -2.01 -7.64
N PRO A 32 8.61 -2.11 -7.84
CA PRO A 32 9.57 -2.24 -6.73
C PRO A 32 9.43 -1.12 -5.70
N GLU A 33 9.18 0.11 -6.17
CA GLU A 33 9.08 1.26 -5.28
C GLU A 33 7.87 1.15 -4.36
N VAL A 34 6.71 0.87 -4.95
CA VAL A 34 5.48 0.77 -4.18
C VAL A 34 5.48 -0.48 -3.29
N TYR A 35 6.12 -1.55 -3.75
CA TYR A 35 6.23 -2.76 -2.94
C TYR A 35 7.03 -2.45 -1.68
N ASP A 36 8.17 -1.80 -1.87
CA ASP A 36 9.02 -1.39 -0.76
C ASP A 36 8.28 -0.46 0.18
N ALA A 37 7.66 0.56 -0.40
CA ALA A 37 6.88 1.52 0.37
C ALA A 37 5.80 0.82 1.17
N LEU A 38 5.08 -0.09 0.52
CA LEU A 38 4.05 -0.89 1.16
C LEU A 38 4.61 -1.58 2.39
N SER A 39 5.76 -2.23 2.21
CA SER A 39 6.41 -2.97 3.28
C SER A 39 6.69 -2.09 4.49
N GLN A 40 6.93 -0.81 4.23
CA GLN A 40 7.18 0.15 5.29
C GLN A 40 5.93 0.35 6.14
N LEU A 41 4.78 0.52 5.48
CA LEU A 41 3.52 0.72 6.19
C LEU A 41 3.09 -0.56 6.88
N ILE A 42 3.29 -1.68 6.21
CA ILE A 42 2.95 -2.99 6.75
C ILE A 42 3.72 -3.25 8.05
N LYS A 43 5.01 -2.95 8.03
CA LYS A 43 5.86 -3.11 9.19
C LYS A 43 5.43 -2.20 10.34
N GLU A 44 4.89 -1.02 10.00
CA GLU A 44 4.41 -0.10 11.01
C GLU A 44 2.98 -0.45 11.45
N ASN A 45 2.50 -1.60 11.00
CA ASN A 45 1.16 -2.09 11.33
C ASN A 45 0.10 -1.13 10.83
N LYS A 46 0.38 -0.45 9.72
CA LYS A 46 -0.59 0.42 9.09
C LYS A 46 -1.37 -0.36 8.04
N VAL A 47 -0.68 -1.30 7.41
CA VAL A 47 -1.28 -2.12 6.36
C VAL A 47 -1.01 -3.59 6.64
N GLY A 48 -2.03 -4.42 6.47
CA GLY A 48 -1.87 -5.84 6.68
C GLY A 48 -1.99 -6.64 5.40
N ARG A 49 -1.09 -7.57 5.20
CA ARG A 49 -1.11 -8.42 4.01
C ARG A 49 -2.01 -9.64 4.25
N ARG A 50 -3.17 -9.66 3.60
CA ARG A 50 -4.06 -10.80 3.71
C ARG A 50 -4.13 -11.54 2.37
N GLY A 51 -3.17 -12.42 2.15
CA GLY A 51 -3.12 -13.16 0.91
C GLY A 51 -2.63 -12.29 -0.24
N ARG A 52 -3.56 -11.86 -1.07
CA ARG A 52 -3.23 -11.03 -2.21
C ARG A 52 -3.73 -9.60 -2.03
N TYR A 53 -4.58 -9.40 -1.03
CA TYR A 53 -5.15 -8.08 -0.78
C TYR A 53 -4.65 -7.51 0.53
N PHE A 54 -4.49 -6.20 0.56
CA PHE A 54 -3.97 -5.50 1.71
C PHE A 54 -5.08 -4.70 2.37
N TYR A 55 -5.14 -4.76 3.69
CA TYR A 55 -6.17 -4.02 4.42
C TYR A 55 -5.52 -3.01 5.36
N TYR A 56 -6.18 -1.87 5.51
CA TYR A 56 -5.68 -0.83 6.40
C TYR A 56 -5.98 -1.18 7.86
N ILE A 57 -4.95 -1.10 8.69
CA ILE A 57 -5.07 -1.45 10.10
C ILE A 57 -5.31 -0.21 10.94
N LYS A 58 -6.23 -0.32 11.91
CA LYS A 58 -6.57 0.78 12.79
C LYS A 58 -6.92 2.06 12.04
N ARG A 59 -6.83 3.17 12.71
CA ARG A 59 -7.05 4.48 12.10
C ARG A 59 -5.76 5.29 12.14
N MET A 1 6.13 13.73 1.09
CA MET A 1 6.87 13.31 2.30
C MET A 1 8.02 12.37 1.94
N GLU A 2 7.70 11.10 1.67
CA GLU A 2 8.71 10.14 1.25
C GLU A 2 8.72 10.00 -0.26
N ASP A 3 7.71 9.31 -0.78
CA ASP A 3 7.63 8.98 -2.19
C ASP A 3 6.37 8.16 -2.44
N VAL A 4 6.55 6.93 -2.92
CA VAL A 4 5.43 6.01 -3.14
C VAL A 4 4.55 5.87 -1.91
N LYS A 5 5.18 5.80 -0.74
CA LYS A 5 4.48 5.50 0.50
C LYS A 5 3.26 6.39 0.70
N GLN A 6 3.42 7.68 0.42
CA GLN A 6 2.33 8.65 0.60
C GLN A 6 1.10 8.28 -0.24
N SER A 7 1.34 7.70 -1.41
CA SER A 7 0.25 7.27 -2.27
C SER A 7 -0.21 5.87 -1.87
N VAL A 8 0.76 5.01 -1.56
CA VAL A 8 0.47 3.63 -1.18
C VAL A 8 -0.45 3.57 0.04
N GLU A 9 -0.03 4.23 1.12
CA GLU A 9 -0.80 4.20 2.35
C GLU A 9 -2.17 4.84 2.15
N LYS A 10 -2.20 5.89 1.34
CA LYS A 10 -3.44 6.61 1.07
C LYS A 10 -4.46 5.70 0.37
N ILE A 11 -4.00 5.00 -0.66
CA ILE A 11 -4.87 4.12 -1.43
C ILE A 11 -5.43 3.02 -0.54
N ILE A 12 -4.59 2.50 0.37
CA ILE A 12 -5.03 1.49 1.31
C ILE A 12 -6.07 2.06 2.27
N LYS A 13 -5.91 3.33 2.65
CA LYS A 13 -6.87 4.01 3.51
C LYS A 13 -8.19 4.24 2.77
N ASP A 14 -8.07 4.67 1.52
CA ASP A 14 -9.23 5.07 0.73
C ASP A 14 -10.03 3.85 0.24
N ARG A 15 -9.34 2.87 -0.33
CA ARG A 15 -10.00 1.72 -0.93
C ARG A 15 -10.11 0.57 0.07
N GLU A 16 -9.38 0.69 1.18
CA GLU A 16 -9.39 -0.29 2.28
C GLU A 16 -8.82 -1.64 1.84
N TRP A 17 -9.54 -2.35 1.00
CA TRP A 17 -9.10 -3.62 0.48
C TRP A 17 -8.64 -3.45 -0.95
N VAL A 18 -7.34 -3.54 -1.17
CA VAL A 18 -6.78 -3.35 -2.49
C VAL A 18 -5.71 -4.39 -2.76
N THR A 19 -5.63 -4.86 -3.99
CA THR A 19 -4.60 -5.81 -4.37
C THR A 19 -3.37 -5.09 -4.90
N PHE A 20 -2.28 -5.79 -5.10
CA PHE A 20 -1.07 -5.15 -5.61
C PHE A 20 -1.32 -4.66 -7.04
N ASN A 21 -2.11 -5.43 -7.79
CA ASN A 21 -2.52 -5.04 -9.12
C ASN A 21 -3.36 -3.77 -9.06
N ASP A 22 -4.23 -3.72 -8.07
CA ASP A 22 -5.11 -2.57 -7.85
C ASP A 22 -4.28 -1.32 -7.57
N LEU A 23 -3.23 -1.49 -6.77
CA LEU A 23 -2.29 -0.41 -6.47
C LEU A 23 -1.62 0.11 -7.75
N LEU A 24 -1.13 -0.82 -8.56
CA LEU A 24 -0.38 -0.47 -9.77
C LEU A 24 -1.23 0.34 -10.75
N LYS A 25 -2.54 0.22 -10.62
CA LYS A 25 -3.46 0.90 -11.51
C LYS A 25 -3.67 2.35 -11.08
N TYR A 26 -3.39 2.63 -9.82
CA TYR A 26 -3.52 3.99 -9.30
C TYR A 26 -2.14 4.58 -8.99
N ILE A 27 -1.12 3.72 -9.05
CA ILE A 27 0.24 4.13 -8.80
C ILE A 27 1.11 3.93 -10.04
N PRO A 28 1.60 5.03 -10.63
CA PRO A 28 2.44 4.98 -11.83
C PRO A 28 3.89 4.61 -11.51
N TYR A 29 4.17 4.44 -10.23
CA TYR A 29 5.51 4.10 -9.77
C TYR A 29 5.76 2.61 -9.89
N PRO A 30 6.95 2.23 -10.40
CA PRO A 30 7.39 0.83 -10.51
C PRO A 30 7.03 0.00 -9.29
N ALA A 31 6.73 -1.27 -9.55
CA ALA A 31 6.31 -2.22 -8.52
C ALA A 31 7.32 -2.34 -7.37
N PRO A 32 8.65 -2.44 -7.64
CA PRO A 32 9.68 -2.46 -6.59
C PRO A 32 9.60 -1.26 -5.66
N GLU A 33 9.07 -0.15 -6.17
CA GLU A 33 8.94 1.07 -5.38
C GLU A 33 7.77 0.97 -4.42
N VAL A 34 6.59 0.75 -4.98
CA VAL A 34 5.36 0.69 -4.19
C VAL A 34 5.37 -0.47 -3.19
N TYR A 35 5.97 -1.59 -3.56
CA TYR A 35 6.03 -2.73 -2.64
C TYR A 35 6.94 -2.40 -1.47
N ASP A 36 8.08 -1.79 -1.77
CA ASP A 36 9.00 -1.32 -0.74
C ASP A 36 8.27 -0.40 0.22
N ALA A 37 7.64 0.61 -0.34
CA ALA A 37 6.86 1.56 0.44
C ALA A 37 5.78 0.85 1.25
N LEU A 38 5.14 -0.13 0.63
CA LEU A 38 4.12 -0.93 1.28
C LEU A 38 4.67 -1.61 2.53
N SER A 39 5.82 -2.26 2.41
CA SER A 39 6.43 -2.96 3.54
C SER A 39 6.68 -1.99 4.69
N GLN A 40 6.90 -0.73 4.35
CA GLN A 40 7.07 0.32 5.34
C GLN A 40 5.77 0.50 6.14
N LEU A 41 4.65 0.67 5.45
CA LEU A 41 3.36 0.83 6.14
C LEU A 41 3.01 -0.43 6.91
N ILE A 42 3.43 -1.56 6.38
CA ILE A 42 3.19 -2.84 7.02
C ILE A 42 3.94 -2.92 8.35
N LYS A 43 5.22 -2.58 8.35
CA LYS A 43 6.00 -2.56 9.59
C LYS A 43 5.56 -1.40 10.49
N GLU A 44 4.97 -0.36 9.90
CA GLU A 44 4.38 0.72 10.67
C GLU A 44 3.05 0.31 11.29
N ASN A 45 2.63 -0.93 11.00
CA ASN A 45 1.38 -1.48 11.50
C ASN A 45 0.19 -0.66 11.01
N LYS A 46 0.30 -0.15 9.79
CA LYS A 46 -0.77 0.60 9.17
C LYS A 46 -1.47 -0.23 8.10
N VAL A 47 -0.70 -1.09 7.43
CA VAL A 47 -1.25 -1.94 6.38
C VAL A 47 -0.86 -3.39 6.63
N GLY A 48 -1.77 -4.30 6.34
CA GLY A 48 -1.48 -5.72 6.48
C GLY A 48 -1.67 -6.46 5.18
N ARG A 49 -0.86 -7.50 4.97
CA ARG A 49 -0.95 -8.32 3.77
C ARG A 49 -1.64 -9.63 4.04
N ARG A 50 -2.50 -10.04 3.13
CA ARG A 50 -3.09 -11.38 3.18
C ARG A 50 -3.43 -11.86 1.79
N GLY A 51 -2.83 -12.97 1.39
CA GLY A 51 -3.08 -13.55 0.09
C GLY A 51 -2.61 -12.67 -1.05
N ARG A 52 -3.54 -11.97 -1.67
CA ARG A 52 -3.24 -11.14 -2.82
C ARG A 52 -3.63 -9.68 -2.56
N TYR A 53 -4.26 -9.44 -1.41
CA TYR A 53 -4.81 -8.12 -1.12
C TYR A 53 -4.28 -7.55 0.18
N PHE A 54 -4.39 -6.24 0.29
CA PHE A 54 -3.90 -5.51 1.44
C PHE A 54 -5.06 -4.85 2.16
N TYR A 55 -4.95 -4.72 3.46
CA TYR A 55 -5.99 -4.08 4.26
C TYR A 55 -5.38 -3.07 5.21
N TYR A 56 -6.12 -2.02 5.52
CA TYR A 56 -5.65 -1.01 6.45
C TYR A 56 -5.92 -1.46 7.88
N ILE A 57 -4.87 -1.48 8.68
CA ILE A 57 -4.98 -1.85 10.08
C ILE A 57 -5.61 -0.70 10.86
N LYS A 58 -6.62 -1.02 11.67
CA LYS A 58 -7.40 -0.02 12.40
C LYS A 58 -6.50 0.97 13.16
N ARG A 59 -6.77 2.25 12.96
CA ARG A 59 -6.01 3.30 13.63
C ARG A 59 -6.42 3.39 15.10
N MET A 1 7.96 13.82 2.55
CA MET A 1 7.19 13.05 1.54
C MET A 1 7.93 11.79 1.16
N GLU A 2 7.47 10.66 1.68
CA GLU A 2 8.12 9.37 1.45
C GLU A 2 7.64 8.75 0.12
N ASP A 3 7.99 9.43 -0.97
CA ASP A 3 7.81 8.95 -2.34
C ASP A 3 6.50 8.17 -2.54
N VAL A 4 6.62 6.91 -2.96
CA VAL A 4 5.47 6.05 -3.20
C VAL A 4 4.58 5.90 -1.99
N LYS A 5 5.20 5.76 -0.81
CA LYS A 5 4.48 5.45 0.41
C LYS A 5 3.33 6.42 0.65
N GLN A 6 3.55 7.68 0.27
CA GLN A 6 2.52 8.71 0.43
C GLN A 6 1.23 8.33 -0.29
N SER A 7 1.37 7.70 -1.45
CA SER A 7 0.24 7.28 -2.24
C SER A 7 -0.21 5.88 -1.82
N VAL A 8 0.76 5.01 -1.54
CA VAL A 8 0.48 3.62 -1.20
C VAL A 8 -0.44 3.52 0.01
N GLU A 9 -0.06 4.16 1.11
CA GLU A 9 -0.88 4.13 2.32
C GLU A 9 -2.24 4.73 2.05
N LYS A 10 -2.27 5.77 1.23
CA LYS A 10 -3.51 6.47 0.90
C LYS A 10 -4.48 5.55 0.18
N ILE A 11 -3.99 4.83 -0.82
CA ILE A 11 -4.84 3.91 -1.57
C ILE A 11 -5.44 2.86 -0.64
N ILE A 12 -4.62 2.35 0.28
CA ILE A 12 -5.07 1.36 1.24
C ILE A 12 -6.13 1.95 2.17
N LYS A 13 -5.94 3.21 2.54
CA LYS A 13 -6.90 3.89 3.41
C LYS A 13 -8.17 4.22 2.65
N ASP A 14 -8.03 4.57 1.38
CA ASP A 14 -9.16 4.96 0.55
C ASP A 14 -10.02 3.75 0.18
N ARG A 15 -9.39 2.68 -0.26
CA ARG A 15 -10.12 1.49 -0.72
C ARG A 15 -10.35 0.50 0.42
N GLU A 16 -9.48 0.56 1.43
CA GLU A 16 -9.48 -0.39 2.55
C GLU A 16 -8.97 -1.77 2.14
N TRP A 17 -9.47 -2.27 1.02
CA TRP A 17 -9.01 -3.55 0.49
C TRP A 17 -8.52 -3.38 -0.95
N VAL A 18 -7.22 -3.48 -1.14
CA VAL A 18 -6.61 -3.32 -2.45
C VAL A 18 -5.53 -4.39 -2.66
N THR A 19 -5.36 -4.82 -3.89
CA THR A 19 -4.34 -5.80 -4.22
C THR A 19 -3.11 -5.10 -4.79
N PHE A 20 -1.98 -5.79 -4.86
CA PHE A 20 -0.75 -5.15 -5.31
C PHE A 20 -0.90 -4.62 -6.73
N ASN A 21 -1.55 -5.40 -7.58
CA ASN A 21 -1.80 -5.00 -8.96
C ASN A 21 -2.69 -3.76 -9.01
N ASP A 22 -3.69 -3.71 -8.14
CA ASP A 22 -4.60 -2.57 -8.08
C ASP A 22 -3.85 -1.29 -7.76
N LEU A 23 -2.88 -1.40 -6.84
CA LEU A 23 -2.03 -0.28 -6.48
C LEU A 23 -1.35 0.31 -7.72
N LEU A 24 -0.90 -0.55 -8.61
CA LEU A 24 -0.15 -0.12 -9.79
C LEU A 24 -1.02 0.64 -10.78
N LYS A 25 -2.33 0.53 -10.63
CA LYS A 25 -3.27 1.21 -11.52
C LYS A 25 -3.57 2.61 -11.01
N TYR A 26 -3.45 2.81 -9.71
CA TYR A 26 -3.61 4.13 -9.11
C TYR A 26 -2.26 4.79 -8.91
N ILE A 27 -1.23 3.98 -8.88
CA ILE A 27 0.13 4.45 -8.63
C ILE A 27 1.02 4.18 -9.84
N PRO A 28 1.51 5.25 -10.49
CA PRO A 28 2.31 5.13 -11.72
C PRO A 28 3.78 4.80 -11.44
N TYR A 29 4.08 4.45 -10.20
CA TYR A 29 5.43 4.11 -9.79
C TYR A 29 5.65 2.61 -9.90
N PRO A 30 6.81 2.21 -10.46
CA PRO A 30 7.22 0.81 -10.62
C PRO A 30 6.91 -0.07 -9.41
N ALA A 31 6.60 -1.33 -9.66
CA ALA A 31 6.24 -2.27 -8.60
C ALA A 31 7.22 -2.26 -7.43
N PRO A 32 8.55 -2.45 -7.68
CA PRO A 32 9.56 -2.46 -6.61
C PRO A 32 9.46 -1.25 -5.68
N GLU A 33 9.11 -0.10 -6.26
CA GLU A 33 8.97 1.12 -5.49
C GLU A 33 7.82 1.02 -4.49
N VAL A 34 6.62 0.81 -5.01
CA VAL A 34 5.43 0.72 -4.18
C VAL A 34 5.48 -0.51 -3.27
N TYR A 35 6.13 -1.57 -3.73
CA TYR A 35 6.24 -2.79 -2.94
C TYR A 35 7.09 -2.53 -1.68
N ASP A 36 8.16 -1.77 -1.82
CA ASP A 36 9.00 -1.40 -0.69
C ASP A 36 8.24 -0.46 0.23
N ALA A 37 7.60 0.52 -0.39
CA ALA A 37 6.77 1.47 0.33
C ALA A 37 5.70 0.76 1.15
N LEU A 38 5.01 -0.18 0.50
CA LEU A 38 4.00 -0.99 1.18
C LEU A 38 4.59 -1.66 2.41
N SER A 39 5.77 -2.24 2.22
CA SER A 39 6.45 -2.94 3.29
C SER A 39 6.73 -2.01 4.47
N GLN A 40 6.89 -0.73 4.19
CA GLN A 40 7.07 0.26 5.23
C GLN A 40 5.77 0.45 6.01
N LEU A 41 4.64 0.57 5.30
CA LEU A 41 3.34 0.73 5.95
C LEU A 41 2.98 -0.49 6.76
N ILE A 42 3.34 -1.65 6.24
CA ILE A 42 3.08 -2.92 6.91
C ILE A 42 3.89 -3.00 8.20
N LYS A 43 5.12 -2.49 8.14
CA LYS A 43 5.96 -2.41 9.32
C LYS A 43 5.42 -1.35 10.28
N GLU A 44 4.89 -0.26 9.73
CA GLU A 44 4.30 0.81 10.53
C GLU A 44 2.97 0.38 11.12
N ASN A 45 2.54 -0.83 10.76
CA ASN A 45 1.25 -1.38 11.18
C ASN A 45 0.10 -0.50 10.71
N LYS A 46 0.27 0.07 9.51
CA LYS A 46 -0.82 0.77 8.85
C LYS A 46 -1.56 -0.19 7.94
N VAL A 47 -0.80 -0.99 7.22
CA VAL A 47 -1.35 -1.91 6.25
C VAL A 47 -0.92 -3.34 6.56
N GLY A 48 -1.82 -4.29 6.37
CA GLY A 48 -1.50 -5.68 6.58
C GLY A 48 -1.68 -6.51 5.33
N ARG A 49 -0.77 -7.46 5.10
CA ARG A 49 -0.88 -8.35 3.96
C ARG A 49 -1.84 -9.50 4.30
N ARG A 50 -2.89 -9.66 3.52
CA ARG A 50 -3.79 -10.78 3.72
C ARG A 50 -3.98 -11.53 2.40
N GLY A 51 -3.06 -12.46 2.14
CA GLY A 51 -3.14 -13.25 0.93
C GLY A 51 -2.69 -12.47 -0.28
N ARG A 52 -3.65 -11.98 -1.07
CA ARG A 52 -3.34 -11.20 -2.26
C ARG A 52 -3.72 -9.74 -2.07
N TYR A 53 -4.56 -9.47 -1.09
CA TYR A 53 -5.05 -8.11 -0.85
C TYR A 53 -4.51 -7.56 0.46
N PHE A 54 -4.42 -6.25 0.51
CA PHE A 54 -3.90 -5.56 1.67
C PHE A 54 -5.00 -4.77 2.34
N TYR A 55 -5.08 -4.89 3.66
CA TYR A 55 -6.11 -4.23 4.42
C TYR A 55 -5.52 -3.15 5.30
N TYR A 56 -6.26 -2.09 5.54
CA TYR A 56 -5.82 -1.03 6.42
C TYR A 56 -6.08 -1.44 7.87
N ILE A 57 -5.01 -1.61 8.63
CA ILE A 57 -5.11 -2.04 10.00
C ILE A 57 -5.77 -0.97 10.86
N LYS A 58 -6.64 -1.41 11.75
CA LYS A 58 -7.33 -0.51 12.67
C LYS A 58 -6.34 0.33 13.48
N ARG A 59 -6.69 1.58 13.71
CA ARG A 59 -5.84 2.49 14.47
C ARG A 59 -5.80 2.08 15.93
N MET A 1 10.09 13.62 3.85
CA MET A 1 8.89 13.46 2.99
C MET A 1 8.91 12.09 2.33
N GLU A 2 7.76 11.42 2.35
CA GLU A 2 7.64 10.09 1.77
C GLU A 2 7.33 10.20 0.29
N ASP A 3 7.57 9.11 -0.43
CA ASP A 3 7.41 9.09 -1.89
C ASP A 3 6.22 8.23 -2.29
N VAL A 4 6.51 7.03 -2.77
CA VAL A 4 5.48 6.05 -3.13
C VAL A 4 4.51 5.84 -2.00
N LYS A 5 5.05 5.80 -0.78
CA LYS A 5 4.26 5.47 0.40
C LYS A 5 3.07 6.40 0.56
N GLN A 6 3.22 7.64 0.13
CA GLN A 6 2.14 8.61 0.23
C GLN A 6 0.90 8.12 -0.51
N SER A 7 1.10 7.63 -1.72
CA SER A 7 0.01 7.12 -2.53
C SER A 7 -0.37 5.70 -2.10
N VAL A 8 0.63 4.90 -1.73
CA VAL A 8 0.41 3.51 -1.32
C VAL A 8 -0.55 3.43 -0.14
N GLU A 9 -0.21 4.13 0.94
CA GLU A 9 -1.02 4.09 2.14
C GLU A 9 -2.36 4.75 1.89
N LYS A 10 -2.38 5.73 0.99
CA LYS A 10 -3.60 6.45 0.68
C LYS A 10 -4.63 5.53 0.03
N ILE A 11 -4.21 4.79 -0.98
CA ILE A 11 -5.12 3.90 -1.69
C ILE A 11 -5.67 2.83 -0.75
N ILE A 12 -4.80 2.34 0.12
CA ILE A 12 -5.20 1.34 1.10
C ILE A 12 -6.11 1.94 2.17
N LYS A 13 -5.86 3.19 2.53
CA LYS A 13 -6.71 3.93 3.42
C LYS A 13 -8.07 4.18 2.77
N ASP A 14 -8.03 4.48 1.48
CA ASP A 14 -9.21 4.86 0.72
C ASP A 14 -10.06 3.64 0.37
N ARG A 15 -9.44 2.65 -0.28
CA ARG A 15 -10.16 1.47 -0.74
C ARG A 15 -10.31 0.45 0.39
N GLU A 16 -9.54 0.64 1.45
CA GLU A 16 -9.54 -0.22 2.63
C GLU A 16 -8.87 -1.57 2.36
N TRP A 17 -9.19 -2.17 1.22
CA TRP A 17 -8.52 -3.39 0.80
C TRP A 17 -8.16 -3.28 -0.69
N VAL A 18 -6.87 -3.40 -0.97
CA VAL A 18 -6.37 -3.25 -2.34
C VAL A 18 -5.26 -4.27 -2.58
N THR A 19 -5.19 -4.79 -3.80
CA THR A 19 -4.17 -5.76 -4.14
C THR A 19 -2.93 -5.05 -4.66
N PHE A 20 -1.79 -5.74 -4.70
CA PHE A 20 -0.56 -5.12 -5.15
C PHE A 20 -0.70 -4.63 -6.59
N ASN A 21 -1.38 -5.42 -7.40
CA ASN A 21 -1.58 -5.09 -8.80
C ASN A 21 -2.57 -3.94 -8.92
N ASP A 22 -3.49 -3.82 -7.98
CA ASP A 22 -4.48 -2.75 -8.01
C ASP A 22 -3.80 -1.41 -7.75
N LEU A 23 -2.84 -1.43 -6.84
CA LEU A 23 -2.03 -0.25 -6.55
C LEU A 23 -1.39 0.31 -7.81
N LEU A 24 -0.99 -0.59 -8.70
CA LEU A 24 -0.27 -0.22 -9.92
C LEU A 24 -1.15 0.52 -10.92
N LYS A 25 -2.47 0.36 -10.79
CA LYS A 25 -3.41 1.04 -11.68
C LYS A 25 -3.56 2.50 -11.27
N TYR A 26 -3.43 2.75 -9.98
CA TYR A 26 -3.51 4.11 -9.45
C TYR A 26 -2.13 4.74 -9.35
N ILE A 27 -1.15 3.93 -8.98
CA ILE A 27 0.22 4.39 -8.81
C ILE A 27 1.04 4.11 -10.08
N PRO A 28 1.56 5.16 -10.72
CA PRO A 28 2.36 5.03 -11.94
C PRO A 28 3.80 4.60 -11.64
N TYR A 29 4.16 4.62 -10.37
CA TYR A 29 5.49 4.27 -9.92
C TYR A 29 5.73 2.77 -10.00
N PRO A 30 6.90 2.39 -10.55
CA PRO A 30 7.37 0.99 -10.62
C PRO A 30 7.02 0.16 -9.39
N ALA A 31 6.72 -1.11 -9.65
CA ALA A 31 6.31 -2.04 -8.61
C ALA A 31 7.31 -2.14 -7.44
N PRO A 32 8.64 -2.24 -7.70
CA PRO A 32 9.64 -2.27 -6.63
C PRO A 32 9.52 -1.09 -5.66
N GLU A 33 9.13 0.07 -6.19
CA GLU A 33 9.01 1.27 -5.38
C GLU A 33 7.81 1.16 -4.43
N VAL A 34 6.64 0.90 -4.99
CA VAL A 34 5.42 0.79 -4.20
C VAL A 34 5.49 -0.43 -3.27
N TYR A 35 6.14 -1.50 -3.70
CA TYR A 35 6.30 -2.68 -2.86
C TYR A 35 7.13 -2.36 -1.63
N ASP A 36 8.20 -1.60 -1.83
CA ASP A 36 9.06 -1.16 -0.72
C ASP A 36 8.26 -0.30 0.24
N ALA A 37 7.59 0.69 -0.32
CA ALA A 37 6.75 1.60 0.43
C ALA A 37 5.67 0.83 1.20
N LEU A 38 5.06 -0.14 0.52
CA LEU A 38 4.05 -0.99 1.15
C LEU A 38 4.64 -1.66 2.38
N SER A 39 5.83 -2.23 2.23
CA SER A 39 6.49 -2.95 3.31
C SER A 39 6.69 -2.03 4.52
N GLN A 40 6.81 -0.73 4.26
CA GLN A 40 6.92 0.24 5.33
C GLN A 40 5.61 0.30 6.13
N LEU A 41 4.49 0.50 5.45
CA LEU A 41 3.19 0.58 6.13
C LEU A 41 2.88 -0.73 6.84
N ILE A 42 3.25 -1.84 6.22
CA ILE A 42 3.03 -3.15 6.80
C ILE A 42 3.83 -3.29 8.10
N LYS A 43 5.10 -2.89 8.04
CA LYS A 43 5.97 -2.91 9.21
C LYS A 43 5.48 -1.90 10.26
N GLU A 44 5.02 -0.73 9.82
CA GLU A 44 4.52 0.30 10.72
C GLU A 44 3.15 -0.07 11.30
N ASN A 45 2.64 -1.24 10.90
CA ASN A 45 1.35 -1.75 11.35
C ASN A 45 0.23 -0.81 10.94
N LYS A 46 0.30 -0.35 9.71
CA LYS A 46 -0.74 0.50 9.14
C LYS A 46 -1.47 -0.27 8.04
N VAL A 47 -0.77 -1.20 7.42
CA VAL A 47 -1.35 -2.05 6.39
C VAL A 47 -1.01 -3.50 6.65
N GLY A 48 -1.97 -4.38 6.45
CA GLY A 48 -1.72 -5.80 6.66
C GLY A 48 -1.91 -6.59 5.38
N ARG A 49 -1.02 -7.55 5.16
CA ARG A 49 -1.11 -8.41 3.98
C ARG A 49 -2.07 -9.56 4.25
N ARG A 50 -3.29 -9.45 3.74
CA ARG A 50 -4.28 -10.49 3.92
C ARG A 50 -4.50 -11.23 2.60
N GLY A 51 -3.67 -12.24 2.37
CA GLY A 51 -3.77 -13.01 1.15
C GLY A 51 -3.34 -12.22 -0.06
N ARG A 52 -4.28 -11.99 -0.98
CA ARG A 52 -3.97 -11.31 -2.23
C ARG A 52 -4.05 -9.80 -2.08
N TYR A 53 -4.77 -9.33 -1.08
CA TYR A 53 -4.98 -7.89 -0.92
C TYR A 53 -4.45 -7.39 0.41
N PHE A 54 -4.28 -6.08 0.48
CA PHE A 54 -3.75 -5.43 1.66
C PHE A 54 -4.85 -4.58 2.29
N TYR A 55 -5.03 -4.74 3.59
CA TYR A 55 -6.06 -4.00 4.30
C TYR A 55 -5.42 -2.98 5.24
N TYR A 56 -6.11 -1.87 5.46
CA TYR A 56 -5.62 -0.85 6.37
C TYR A 56 -5.90 -1.27 7.81
N ILE A 57 -4.88 -1.22 8.65
CA ILE A 57 -5.01 -1.63 10.03
C ILE A 57 -5.41 -0.44 10.91
N LYS A 58 -6.39 -0.68 11.76
CA LYS A 58 -6.83 0.31 12.73
C LYS A 58 -5.68 0.74 13.63
N ARG A 59 -5.61 2.04 13.91
CA ARG A 59 -4.54 2.56 14.74
C ARG A 59 -4.93 2.49 16.21
N MET A 1 7.57 14.55 4.05
CA MET A 1 7.36 14.17 2.64
C MET A 1 7.83 12.74 2.40
N GLU A 2 6.99 11.95 1.77
CA GLU A 2 7.35 10.58 1.42
C GLU A 2 7.18 10.37 -0.08
N ASP A 3 7.76 9.29 -0.59
CA ASP A 3 7.66 8.96 -2.01
C ASP A 3 6.40 8.19 -2.31
N VAL A 4 6.58 6.97 -2.82
CA VAL A 4 5.48 6.05 -3.06
C VAL A 4 4.64 5.85 -1.80
N LYS A 5 5.32 5.75 -0.66
CA LYS A 5 4.70 5.35 0.58
C LYS A 5 3.45 6.15 0.90
N GLN A 6 3.51 7.46 0.73
CA GLN A 6 2.37 8.32 1.08
C GLN A 6 1.19 8.05 0.16
N SER A 7 1.48 7.80 -1.10
CA SER A 7 0.46 7.49 -2.08
C SER A 7 -0.05 6.06 -1.87
N VAL A 8 0.86 5.16 -1.54
CA VAL A 8 0.51 3.76 -1.30
C VAL A 8 -0.43 3.64 -0.11
N GLU A 9 -0.05 4.23 1.02
CA GLU A 9 -0.88 4.16 2.21
C GLU A 9 -2.23 4.80 1.93
N LYS A 10 -2.23 5.85 1.12
CA LYS A 10 -3.45 6.57 0.78
C LYS A 10 -4.43 5.64 0.07
N ILE A 11 -3.94 4.90 -0.91
CA ILE A 11 -4.78 3.96 -1.65
C ILE A 11 -5.39 2.94 -0.70
N ILE A 12 -4.56 2.43 0.20
CA ILE A 12 -5.01 1.45 1.18
C ILE A 12 -6.04 2.06 2.13
N LYS A 13 -5.83 3.32 2.51
CA LYS A 13 -6.79 4.02 3.37
C LYS A 13 -8.09 4.30 2.63
N ASP A 14 -7.95 4.68 1.37
CA ASP A 14 -9.09 5.05 0.53
C ASP A 14 -9.97 3.85 0.20
N ARG A 15 -9.34 2.75 -0.20
CA ARG A 15 -10.09 1.59 -0.67
C ARG A 15 -10.22 0.52 0.39
N GLU A 16 -9.38 0.61 1.42
CA GLU A 16 -9.34 -0.36 2.52
C GLU A 16 -8.78 -1.71 2.03
N TRP A 17 -9.51 -2.36 1.13
CA TRP A 17 -9.07 -3.63 0.56
C TRP A 17 -8.65 -3.44 -0.88
N VAL A 18 -7.35 -3.54 -1.13
CA VAL A 18 -6.80 -3.38 -2.47
C VAL A 18 -5.69 -4.41 -2.69
N THR A 19 -5.59 -4.92 -3.91
CA THR A 19 -4.56 -5.90 -4.22
C THR A 19 -3.32 -5.21 -4.75
N PHE A 20 -2.17 -5.89 -4.73
CA PHE A 20 -0.94 -5.30 -5.24
C PHE A 20 -1.09 -4.93 -6.70
N ASN A 21 -1.79 -5.79 -7.43
CA ASN A 21 -2.01 -5.58 -8.85
C ASN A 21 -2.99 -4.44 -9.09
N ASP A 22 -3.82 -4.14 -8.09
CA ASP A 22 -4.76 -3.02 -8.20
C ASP A 22 -4.04 -1.71 -7.93
N LEU A 23 -3.10 -1.75 -6.99
CA LEU A 23 -2.29 -0.58 -6.64
C LEU A 23 -1.62 0.02 -7.86
N LEU A 24 -1.08 -0.85 -8.72
CA LEU A 24 -0.30 -0.42 -9.88
C LEU A 24 -1.13 0.40 -10.88
N LYS A 25 -2.44 0.32 -10.76
CA LYS A 25 -3.32 1.09 -11.64
C LYS A 25 -3.41 2.54 -11.19
N TYR A 26 -3.28 2.76 -9.89
CA TYR A 26 -3.44 4.08 -9.32
C TYR A 26 -2.10 4.62 -8.84
N ILE A 27 -1.15 3.72 -8.67
CA ILE A 27 0.22 4.09 -8.37
C ILE A 27 1.05 4.03 -9.65
N PRO A 28 1.40 5.20 -10.22
CA PRO A 28 2.15 5.27 -11.47
C PRO A 28 3.63 4.94 -11.29
N TYR A 29 3.99 4.63 -10.06
CA TYR A 29 5.36 4.32 -9.70
C TYR A 29 5.62 2.82 -9.82
N PRO A 30 6.76 2.46 -10.43
CA PRO A 30 7.21 1.07 -10.57
C PRO A 30 6.90 0.20 -9.36
N ALA A 31 6.58 -1.06 -9.65
CA ALA A 31 6.23 -2.04 -8.64
C ALA A 31 7.28 -2.15 -7.52
N PRO A 32 8.60 -2.20 -7.84
CA PRO A 32 9.65 -2.23 -6.81
C PRO A 32 9.54 -1.08 -5.81
N GLU A 33 9.03 0.06 -6.27
CA GLU A 33 8.89 1.22 -5.41
C GLU A 33 7.73 1.05 -4.44
N VAL A 34 6.55 0.78 -4.98
CA VAL A 34 5.35 0.62 -4.17
C VAL A 34 5.42 -0.63 -3.28
N TYR A 35 6.10 -1.67 -3.76
CA TYR A 35 6.31 -2.89 -2.97
C TYR A 35 7.05 -2.55 -1.69
N ASP A 36 8.21 -1.93 -1.85
CA ASP A 36 9.05 -1.53 -0.73
C ASP A 36 8.30 -0.52 0.14
N ALA A 37 7.62 0.41 -0.51
CA ALA A 37 6.79 1.38 0.17
C ALA A 37 5.76 0.70 1.05
N LEU A 38 5.02 -0.24 0.46
CA LEU A 38 4.01 -1.02 1.19
C LEU A 38 4.65 -1.68 2.40
N SER A 39 5.83 -2.25 2.20
CA SER A 39 6.56 -2.92 3.26
C SER A 39 6.72 -2.00 4.47
N GLN A 40 7.00 -0.72 4.20
CA GLN A 40 7.13 0.28 5.25
C GLN A 40 5.81 0.44 6.01
N LEU A 41 4.71 0.61 5.29
CA LEU A 41 3.41 0.80 5.93
C LEU A 41 3.01 -0.43 6.75
N ILE A 42 3.38 -1.59 6.25
CA ILE A 42 3.06 -2.85 6.91
C ILE A 42 3.76 -2.94 8.27
N LYS A 43 5.06 -2.68 8.29
CA LYS A 43 5.80 -2.70 9.55
C LYS A 43 5.42 -1.52 10.45
N GLU A 44 4.91 -0.46 9.84
CA GLU A 44 4.42 0.70 10.61
C GLU A 44 3.02 0.44 11.17
N ASN A 45 2.54 -0.80 11.03
CA ASN A 45 1.25 -1.22 11.55
C ASN A 45 0.11 -0.46 10.87
N LYS A 46 0.33 -0.06 9.64
CA LYS A 46 -0.67 0.63 8.85
C LYS A 46 -1.42 -0.33 7.96
N VAL A 47 -0.69 -1.18 7.26
CA VAL A 47 -1.29 -2.08 6.29
C VAL A 47 -0.97 -3.54 6.63
N GLY A 48 -1.96 -4.40 6.50
CA GLY A 48 -1.75 -5.81 6.73
C GLY A 48 -1.88 -6.61 5.46
N ARG A 49 -1.00 -7.58 5.28
CA ARG A 49 -1.01 -8.42 4.08
C ARG A 49 -1.90 -9.64 4.29
N ARG A 50 -2.76 -9.90 3.34
CA ARG A 50 -3.56 -11.10 3.34
C ARG A 50 -3.66 -11.67 1.93
N GLY A 51 -2.64 -12.41 1.53
CA GLY A 51 -2.59 -12.96 0.20
C GLY A 51 -2.22 -11.91 -0.82
N ARG A 52 -3.11 -11.66 -1.77
CA ARG A 52 -2.85 -10.66 -2.80
C ARG A 52 -3.49 -9.33 -2.42
N TYR A 53 -4.35 -9.34 -1.41
CA TYR A 53 -5.06 -8.13 -1.00
C TYR A 53 -4.51 -7.60 0.32
N PHE A 54 -4.55 -6.29 0.45
CA PHE A 54 -4.06 -5.61 1.64
C PHE A 54 -5.19 -4.83 2.28
N TYR A 55 -5.12 -4.66 3.59
CA TYR A 55 -6.12 -3.89 4.31
C TYR A 55 -5.46 -2.91 5.26
N TYR A 56 -6.13 -1.80 5.54
CA TYR A 56 -5.59 -0.79 6.42
C TYR A 56 -5.95 -1.13 7.87
N ILE A 57 -4.93 -1.41 8.66
CA ILE A 57 -5.10 -1.75 10.06
C ILE A 57 -5.64 -0.55 10.84
N LYS A 58 -6.48 -0.83 11.83
CA LYS A 58 -7.07 0.20 12.67
C LYS A 58 -5.97 0.97 13.39
N ARG A 59 -6.25 2.23 13.70
CA ARG A 59 -5.29 3.07 14.41
C ARG A 59 -5.04 2.54 15.81
N MET A 1 6.01 13.55 1.97
CA MET A 1 7.32 13.57 1.28
C MET A 1 8.08 12.27 1.53
N GLU A 2 7.41 11.14 1.36
CA GLU A 2 8.03 9.84 1.57
C GLU A 2 7.87 8.97 0.34
N ASP A 3 8.06 9.59 -0.82
CA ASP A 3 8.02 8.88 -2.11
C ASP A 3 6.69 8.17 -2.30
N VAL A 4 6.77 6.93 -2.80
CA VAL A 4 5.59 6.11 -3.06
C VAL A 4 4.71 5.97 -1.82
N LYS A 5 5.35 5.88 -0.65
CA LYS A 5 4.67 5.54 0.60
C LYS A 5 3.43 6.40 0.84
N GLN A 6 3.59 7.71 0.69
CA GLN A 6 2.51 8.65 0.97
C GLN A 6 1.28 8.41 0.10
N SER A 7 1.50 7.90 -1.10
CA SER A 7 0.40 7.60 -2.00
C SER A 7 -0.14 6.20 -1.71
N VAL A 8 0.79 5.26 -1.52
CA VAL A 8 0.45 3.87 -1.23
C VAL A 8 -0.47 3.76 -0.01
N GLU A 9 -0.03 4.34 1.09
CA GLU A 9 -0.77 4.26 2.34
C GLU A 9 -2.15 4.89 2.19
N LYS A 10 -2.21 5.98 1.46
CA LYS A 10 -3.46 6.68 1.21
C LYS A 10 -4.42 5.79 0.45
N ILE A 11 -3.93 5.14 -0.59
CA ILE A 11 -4.75 4.26 -1.41
C ILE A 11 -5.30 3.11 -0.59
N ILE A 12 -4.45 2.55 0.27
CA ILE A 12 -4.86 1.45 1.15
C ILE A 12 -5.94 1.92 2.13
N LYS A 13 -5.77 3.13 2.65
CA LYS A 13 -6.74 3.72 3.56
C LYS A 13 -8.05 4.02 2.82
N ASP A 14 -7.92 4.59 1.63
CA ASP A 14 -9.06 5.03 0.84
C ASP A 14 -9.88 3.84 0.34
N ARG A 15 -9.21 2.78 -0.09
CA ARG A 15 -9.88 1.65 -0.70
C ARG A 15 -10.09 0.51 0.29
N GLU A 16 -9.53 0.66 1.49
CA GLU A 16 -9.66 -0.31 2.59
C GLU A 16 -8.87 -1.60 2.30
N TRP A 17 -9.25 -2.30 1.24
CA TRP A 17 -8.55 -3.50 0.84
C TRP A 17 -8.31 -3.48 -0.67
N VAL A 18 -7.05 -3.59 -1.06
CA VAL A 18 -6.65 -3.48 -2.46
C VAL A 18 -5.57 -4.53 -2.76
N THR A 19 -5.58 -5.06 -3.97
CA THR A 19 -4.57 -6.02 -4.37
C THR A 19 -3.36 -5.31 -4.94
N PHE A 20 -2.22 -5.99 -5.02
CA PHE A 20 -1.01 -5.34 -5.55
C PHE A 20 -1.23 -4.91 -6.99
N ASN A 21 -1.97 -5.73 -7.71
CA ASN A 21 -2.29 -5.46 -9.10
C ASN A 21 -3.31 -4.34 -9.22
N ASP A 22 -4.00 -4.05 -8.11
CA ASP A 22 -4.96 -2.96 -8.05
C ASP A 22 -4.23 -1.64 -7.81
N LEU A 23 -3.21 -1.70 -6.96
CA LEU A 23 -2.37 -0.53 -6.66
C LEU A 23 -1.75 0.06 -7.91
N LEU A 24 -1.28 -0.81 -8.81
CA LEU A 24 -0.56 -0.40 -10.00
C LEU A 24 -1.43 0.49 -10.91
N LYS A 25 -2.74 0.44 -10.71
CA LYS A 25 -3.67 1.25 -11.50
C LYS A 25 -3.65 2.70 -11.03
N TYR A 26 -3.43 2.90 -9.74
CA TYR A 26 -3.39 4.24 -9.17
C TYR A 26 -1.95 4.70 -8.99
N ILE A 27 -1.04 3.74 -8.89
CA ILE A 27 0.37 4.02 -8.72
C ILE A 27 1.11 3.87 -10.05
N PRO A 28 1.54 4.98 -10.66
CA PRO A 28 2.33 4.97 -11.89
C PRO A 28 3.82 4.76 -11.61
N TYR A 29 4.10 4.44 -10.35
CA TYR A 29 5.46 4.18 -9.89
C TYR A 29 5.74 2.69 -9.93
N PRO A 30 6.93 2.31 -10.43
CA PRO A 30 7.38 0.92 -10.51
C PRO A 30 6.99 0.09 -9.30
N ALA A 31 6.56 -1.13 -9.58
CA ALA A 31 6.04 -2.06 -8.58
C ALA A 31 6.99 -2.29 -7.41
N PRO A 32 8.30 -2.54 -7.65
CA PRO A 32 9.28 -2.73 -6.58
C PRO A 32 9.33 -1.56 -5.60
N GLU A 33 9.00 -0.36 -6.09
CA GLU A 33 9.03 0.83 -5.25
C GLU A 33 7.81 0.86 -4.35
N VAL A 34 6.62 0.73 -4.95
CA VAL A 34 5.38 0.74 -4.18
C VAL A 34 5.30 -0.48 -3.25
N TYR A 35 5.82 -1.62 -3.70
CA TYR A 35 5.85 -2.82 -2.87
C TYR A 35 6.75 -2.58 -1.65
N ASP A 36 7.87 -1.93 -1.88
CA ASP A 36 8.80 -1.58 -0.82
C ASP A 36 8.16 -0.60 0.15
N ALA A 37 7.61 0.47 -0.40
CA ALA A 37 6.91 1.47 0.39
C ALA A 37 5.80 0.84 1.19
N LEU A 38 5.06 -0.07 0.56
CA LEU A 38 3.99 -0.81 1.22
C LEU A 38 4.52 -1.50 2.46
N SER A 39 5.67 -2.16 2.30
CA SER A 39 6.29 -2.90 3.40
C SER A 39 6.54 -1.98 4.58
N GLN A 40 6.84 -0.73 4.30
CA GLN A 40 7.04 0.28 5.34
C GLN A 40 5.76 0.46 6.15
N LEU A 41 4.65 0.64 5.46
CA LEU A 41 3.36 0.84 6.13
C LEU A 41 2.93 -0.41 6.88
N ILE A 42 3.24 -1.56 6.31
CA ILE A 42 2.93 -2.84 6.92
C ILE A 42 3.70 -2.98 8.24
N LYS A 43 4.95 -2.57 8.20
CA LYS A 43 5.80 -2.61 9.38
C LYS A 43 5.37 -1.53 10.38
N GLU A 44 4.97 -0.38 9.88
CA GLU A 44 4.59 0.75 10.73
C GLU A 44 3.14 0.65 11.21
N ASN A 45 2.57 -0.55 11.13
CA ASN A 45 1.22 -0.83 11.66
C ASN A 45 0.17 0.04 10.99
N LYS A 46 0.19 0.07 9.67
CA LYS A 46 -0.83 0.76 8.89
C LYS A 46 -1.53 -0.20 7.96
N VAL A 47 -0.76 -1.04 7.28
CA VAL A 47 -1.31 -1.97 6.31
C VAL A 47 -0.94 -3.40 6.66
N GLY A 48 -1.84 -4.33 6.36
CA GLY A 48 -1.53 -5.74 6.55
C GLY A 48 -1.65 -6.50 5.25
N ARG A 49 -0.83 -7.54 5.09
CA ARG A 49 -0.88 -8.35 3.88
C ARG A 49 -1.68 -9.62 4.11
N ARG A 50 -2.58 -9.92 3.19
CA ARG A 50 -3.27 -11.18 3.17
C ARG A 50 -3.15 -11.81 1.80
N GLY A 51 -1.96 -12.31 1.51
CA GLY A 51 -1.70 -12.92 0.24
C GLY A 51 -1.55 -11.91 -0.88
N ARG A 52 -2.61 -11.71 -1.63
CA ARG A 52 -2.56 -10.82 -2.79
C ARG A 52 -3.24 -9.48 -2.51
N TYR A 53 -4.00 -9.42 -1.41
CA TYR A 53 -4.71 -8.19 -1.08
C TYR A 53 -4.23 -7.60 0.24
N PHE A 54 -4.20 -6.29 0.28
CA PHE A 54 -3.73 -5.53 1.42
C PHE A 54 -4.88 -4.82 2.10
N TYR A 55 -4.91 -4.87 3.41
CA TYR A 55 -5.98 -4.24 4.16
C TYR A 55 -5.43 -3.20 5.14
N TYR A 56 -6.15 -2.10 5.26
CA TYR A 56 -5.76 -1.04 6.18
C TYR A 56 -6.13 -1.43 7.61
N ILE A 57 -5.14 -1.37 8.50
CA ILE A 57 -5.35 -1.72 9.89
C ILE A 57 -5.97 -0.56 10.65
N LYS A 58 -7.01 -0.89 11.42
CA LYS A 58 -7.73 0.08 12.21
C LYS A 58 -6.83 0.71 13.27
N ARG A 59 -7.20 1.91 13.72
CA ARG A 59 -6.44 2.60 14.75
C ARG A 59 -6.77 2.00 16.12
N MET A 1 7.63 14.02 -0.19
CA MET A 1 8.49 13.15 0.65
C MET A 1 7.88 11.76 0.72
N GLU A 2 8.74 10.75 0.87
CA GLU A 2 8.31 9.36 1.02
C GLU A 2 7.81 8.75 -0.30
N ASP A 3 7.61 9.61 -1.30
CA ASP A 3 7.31 9.17 -2.66
C ASP A 3 6.11 8.25 -2.73
N VAL A 4 6.41 6.99 -3.04
CA VAL A 4 5.40 5.95 -3.20
C VAL A 4 4.54 5.80 -1.97
N LYS A 5 5.18 5.78 -0.80
CA LYS A 5 4.50 5.46 0.45
C LYS A 5 3.28 6.34 0.66
N GLN A 6 3.43 7.62 0.36
CA GLN A 6 2.34 8.57 0.57
C GLN A 6 1.12 8.21 -0.26
N SER A 7 1.38 7.70 -1.46
CA SER A 7 0.31 7.26 -2.34
C SER A 7 -0.18 5.88 -1.91
N VAL A 8 0.76 4.98 -1.61
CA VAL A 8 0.45 3.61 -1.22
C VAL A 8 -0.51 3.59 -0.03
N GLU A 9 -0.11 4.23 1.05
CA GLU A 9 -0.90 4.23 2.27
C GLU A 9 -2.27 4.87 2.03
N LYS A 10 -2.30 5.85 1.14
CA LYS A 10 -3.54 6.52 0.81
C LYS A 10 -4.48 5.58 0.06
N ILE A 11 -3.95 4.85 -0.92
CA ILE A 11 -4.74 3.90 -1.68
C ILE A 11 -5.31 2.83 -0.75
N ILE A 12 -4.47 2.36 0.18
CA ILE A 12 -4.88 1.36 1.14
C ILE A 12 -6.00 1.88 2.03
N LYS A 13 -5.95 3.17 2.34
CA LYS A 13 -7.01 3.81 3.11
C LYS A 13 -8.27 4.00 2.26
N ASP A 14 -8.06 4.51 1.06
CA ASP A 14 -9.16 4.83 0.13
C ASP A 14 -10.02 3.59 -0.14
N ARG A 15 -9.38 2.46 -0.39
CA ARG A 15 -10.10 1.24 -0.73
C ARG A 15 -10.25 0.31 0.47
N GLU A 16 -9.51 0.59 1.53
CA GLU A 16 -9.45 -0.25 2.73
C GLU A 16 -8.67 -1.55 2.45
N TRP A 17 -9.01 -2.21 1.36
CA TRP A 17 -8.27 -3.40 0.93
C TRP A 17 -8.02 -3.33 -0.58
N VAL A 18 -6.75 -3.41 -0.96
CA VAL A 18 -6.35 -3.29 -2.36
C VAL A 18 -5.27 -4.32 -2.67
N THR A 19 -5.28 -4.88 -3.88
CA THR A 19 -4.26 -5.84 -4.26
C THR A 19 -3.01 -5.11 -4.76
N PHE A 20 -1.89 -5.80 -4.84
CA PHE A 20 -0.67 -5.18 -5.33
C PHE A 20 -0.86 -4.73 -6.77
N ASN A 21 -1.67 -5.49 -7.48
CA ASN A 21 -1.99 -5.20 -8.87
C ASN A 21 -2.86 -3.97 -8.97
N ASP A 22 -3.81 -3.85 -8.04
CA ASP A 22 -4.70 -2.70 -7.98
C ASP A 22 -3.92 -1.41 -7.74
N LEU A 23 -2.91 -1.50 -6.88
CA LEU A 23 -2.05 -0.36 -6.58
C LEU A 23 -1.44 0.23 -7.84
N LEU A 24 -1.04 -0.63 -8.76
CA LEU A 24 -0.36 -0.20 -9.99
C LEU A 24 -1.30 0.59 -10.90
N LYS A 25 -2.60 0.45 -10.69
CA LYS A 25 -3.57 1.19 -11.49
C LYS A 25 -3.64 2.65 -11.06
N TYR A 26 -3.54 2.88 -9.75
CA TYR A 26 -3.61 4.23 -9.22
C TYR A 26 -2.22 4.83 -9.11
N ILE A 27 -1.26 3.97 -8.85
CA ILE A 27 0.12 4.37 -8.67
C ILE A 27 0.95 4.07 -9.91
N PRO A 28 1.43 5.11 -10.62
CA PRO A 28 2.22 4.94 -11.83
C PRO A 28 3.67 4.55 -11.55
N TYR A 29 4.02 4.57 -10.26
CA TYR A 29 5.37 4.26 -9.83
C TYR A 29 5.64 2.76 -9.93
N PRO A 30 6.81 2.39 -10.48
CA PRO A 30 7.29 1.00 -10.56
C PRO A 30 6.95 0.17 -9.34
N ALA A 31 6.63 -1.10 -9.60
CA ALA A 31 6.24 -2.04 -8.57
C ALA A 31 7.27 -2.18 -7.44
N PRO A 32 8.59 -2.27 -7.73
CA PRO A 32 9.62 -2.32 -6.69
C PRO A 32 9.51 -1.16 -5.70
N GLU A 33 9.12 0.01 -6.19
CA GLU A 33 8.98 1.20 -5.35
C GLU A 33 7.79 1.06 -4.42
N VAL A 34 6.61 0.85 -4.98
CA VAL A 34 5.39 0.74 -4.19
C VAL A 34 5.44 -0.48 -3.25
N TYR A 35 6.13 -1.53 -3.68
CA TYR A 35 6.28 -2.73 -2.85
C TYR A 35 7.08 -2.40 -1.60
N ASP A 36 8.16 -1.64 -1.76
CA ASP A 36 8.99 -1.23 -0.65
C ASP A 36 8.24 -0.28 0.26
N ALA A 37 7.60 0.69 -0.36
CA ALA A 37 6.77 1.64 0.34
C ALA A 37 5.70 0.93 1.17
N LEU A 38 5.09 -0.07 0.57
CA LEU A 38 4.08 -0.88 1.24
C LEU A 38 4.63 -1.48 2.53
N SER A 39 5.81 -2.11 2.43
CA SER A 39 6.40 -2.78 3.59
C SER A 39 6.71 -1.79 4.71
N GLN A 40 6.79 -0.51 4.38
CA GLN A 40 6.98 0.53 5.39
C GLN A 40 5.74 0.64 6.25
N LEU A 41 4.57 0.70 5.61
CA LEU A 41 3.31 0.86 6.33
C LEU A 41 2.91 -0.45 7.00
N ILE A 42 3.21 -1.57 6.35
CA ILE A 42 2.92 -2.88 6.92
C ILE A 42 3.70 -3.07 8.22
N LYS A 43 4.96 -2.66 8.19
CA LYS A 43 5.83 -2.73 9.36
C LYS A 43 5.29 -1.87 10.50
N GLU A 44 4.69 -0.72 10.16
CA GLU A 44 4.12 0.17 11.18
C GLU A 44 2.74 -0.30 11.61
N ASN A 45 2.35 -1.49 11.16
CA ASN A 45 1.04 -2.07 11.49
C ASN A 45 -0.09 -1.17 10.99
N LYS A 46 0.17 -0.49 9.88
CA LYS A 46 -0.84 0.34 9.25
C LYS A 46 -1.51 -0.41 8.12
N VAL A 47 -0.76 -1.30 7.50
CA VAL A 47 -1.27 -2.12 6.41
C VAL A 47 -0.92 -3.58 6.66
N GLY A 48 -1.83 -4.48 6.32
CA GLY A 48 -1.55 -5.90 6.47
C GLY A 48 -1.76 -6.65 5.17
N ARG A 49 -0.96 -7.68 4.95
CA ARG A 49 -1.09 -8.51 3.77
C ARG A 49 -2.09 -9.63 4.03
N ARG A 50 -3.28 -9.53 3.44
CA ARG A 50 -4.31 -10.53 3.64
C ARG A 50 -4.63 -11.23 2.31
N GLY A 51 -4.00 -12.38 2.11
CA GLY A 51 -4.26 -13.14 0.91
C GLY A 51 -3.70 -12.51 -0.33
N ARG A 52 -4.57 -11.93 -1.15
CA ARG A 52 -4.16 -11.32 -2.40
C ARG A 52 -4.14 -9.80 -2.28
N TYR A 53 -4.65 -9.28 -1.17
CA TYR A 53 -4.80 -7.83 -1.03
C TYR A 53 -4.26 -7.35 0.30
N PHE A 54 -4.15 -6.03 0.41
CA PHE A 54 -3.62 -5.39 1.60
C PHE A 54 -4.71 -4.56 2.26
N TYR A 55 -4.92 -4.79 3.54
CA TYR A 55 -5.96 -4.10 4.28
C TYR A 55 -5.34 -3.07 5.24
N TYR A 56 -6.03 -1.97 5.44
CA TYR A 56 -5.56 -0.94 6.35
C TYR A 56 -5.93 -1.31 7.79
N ILE A 57 -4.95 -1.25 8.67
CA ILE A 57 -5.14 -1.63 10.06
C ILE A 57 -5.32 -0.40 10.93
N LYS A 58 -6.11 -0.53 11.98
CA LYS A 58 -6.34 0.55 12.92
C LYS A 58 -5.08 0.86 13.72
N ARG A 59 -4.81 2.13 13.92
CA ARG A 59 -3.65 2.58 14.66
C ARG A 59 -4.05 3.66 15.67
N MET A 1 7.96 14.10 3.12
CA MET A 1 8.13 13.32 1.87
C MET A 1 8.47 11.87 2.19
N GLU A 2 7.59 10.95 1.79
CA GLU A 2 7.79 9.54 2.04
C GLU A 2 7.77 8.75 0.73
N ASP A 3 7.91 9.47 -0.39
CA ASP A 3 7.97 8.86 -1.71
C ASP A 3 6.65 8.15 -2.04
N VAL A 4 6.78 6.98 -2.66
CA VAL A 4 5.64 6.13 -3.02
C VAL A 4 4.66 5.95 -1.85
N LYS A 5 5.21 5.88 -0.63
CA LYS A 5 4.45 5.53 0.56
C LYS A 5 3.20 6.38 0.71
N GLN A 6 3.34 7.68 0.48
CA GLN A 6 2.21 8.62 0.64
C GLN A 6 1.03 8.21 -0.22
N SER A 7 1.30 7.80 -1.44
CA SER A 7 0.25 7.40 -2.36
C SER A 7 -0.21 5.97 -2.07
N VAL A 8 0.74 5.12 -1.69
CA VAL A 8 0.46 3.73 -1.39
C VAL A 8 -0.49 3.61 -0.21
N GLU A 9 -0.10 4.20 0.91
CA GLU A 9 -0.88 4.11 2.13
C GLU A 9 -2.26 4.72 1.93
N LYS A 10 -2.31 5.78 1.14
CA LYS A 10 -3.55 6.49 0.86
C LYS A 10 -4.58 5.57 0.22
N ILE A 11 -4.14 4.82 -0.79
CA ILE A 11 -5.03 3.92 -1.49
C ILE A 11 -5.54 2.83 -0.55
N ILE A 12 -4.65 2.36 0.33
CA ILE A 12 -5.02 1.36 1.31
C ILE A 12 -6.05 1.93 2.28
N LYS A 13 -5.82 3.17 2.71
CA LYS A 13 -6.72 3.87 3.58
C LYS A 13 -8.06 4.13 2.90
N ASP A 14 -7.97 4.65 1.68
CA ASP A 14 -9.14 5.05 0.91
C ASP A 14 -10.02 3.86 0.56
N ARG A 15 -9.42 2.79 0.05
CA ARG A 15 -10.19 1.65 -0.43
C ARG A 15 -10.38 0.59 0.65
N GLU A 16 -9.64 0.75 1.74
CA GLU A 16 -9.64 -0.19 2.88
C GLU A 16 -8.88 -1.47 2.55
N TRP A 17 -9.22 -2.09 1.42
CA TRP A 17 -8.49 -3.25 0.95
C TRP A 17 -8.27 -3.13 -0.57
N VAL A 18 -7.04 -3.36 -0.99
CA VAL A 18 -6.66 -3.20 -2.39
C VAL A 18 -5.67 -4.29 -2.79
N THR A 19 -5.80 -4.80 -4.01
CA THR A 19 -4.88 -5.82 -4.51
C THR A 19 -3.60 -5.16 -5.01
N PHE A 20 -2.51 -5.93 -5.09
CA PHE A 20 -1.25 -5.37 -5.57
C PHE A 20 -1.42 -4.95 -7.03
N ASN A 21 -2.29 -5.65 -7.74
CA ASN A 21 -2.63 -5.30 -9.11
C ASN A 21 -3.29 -3.93 -9.15
N ASP A 22 -4.27 -3.71 -8.28
CA ASP A 22 -5.00 -2.44 -8.23
C ASP A 22 -4.06 -1.29 -7.95
N LEU A 23 -3.13 -1.51 -7.05
CA LEU A 23 -2.13 -0.49 -6.72
C LEU A 23 -1.41 -0.01 -7.97
N LEU A 24 -1.06 -0.92 -8.86
CA LEU A 24 -0.30 -0.58 -10.05
C LEU A 24 -1.13 0.23 -11.05
N LYS A 25 -2.44 0.18 -10.91
CA LYS A 25 -3.33 0.94 -11.80
C LYS A 25 -3.51 2.37 -11.30
N TYR A 26 -3.35 2.57 -10.00
CA TYR A 26 -3.39 3.90 -9.42
C TYR A 26 -1.99 4.49 -9.30
N ILE A 27 -1.06 3.63 -8.90
CA ILE A 27 0.33 4.01 -8.71
C ILE A 27 1.11 3.84 -10.03
N PRO A 28 1.62 4.94 -10.58
CA PRO A 28 2.45 4.90 -11.80
C PRO A 28 3.88 4.48 -11.51
N TYR A 29 4.18 4.36 -10.23
CA TYR A 29 5.52 4.00 -9.76
C TYR A 29 5.70 2.48 -9.83
N PRO A 30 6.86 2.04 -10.37
CA PRO A 30 7.26 0.63 -10.39
C PRO A 30 6.90 -0.14 -9.12
N ALA A 31 6.53 -1.40 -9.33
CA ALA A 31 6.10 -2.28 -8.24
C ALA A 31 7.11 -2.37 -7.09
N PRO A 32 8.43 -2.50 -7.36
CA PRO A 32 9.45 -2.50 -6.31
C PRO A 32 9.35 -1.28 -5.41
N GLU A 33 9.00 -0.13 -6.00
CA GLU A 33 8.90 1.11 -5.26
C GLU A 33 7.68 1.10 -4.34
N VAL A 34 6.51 0.87 -4.92
CA VAL A 34 5.27 0.86 -4.15
C VAL A 34 5.27 -0.28 -3.12
N TYR A 35 5.88 -1.41 -3.45
CA TYR A 35 5.94 -2.53 -2.52
C TYR A 35 6.91 -2.20 -1.38
N ASP A 36 8.02 -1.54 -1.72
CA ASP A 36 8.99 -1.10 -0.71
C ASP A 36 8.34 -0.11 0.24
N ALA A 37 7.56 0.78 -0.34
CA ALA A 37 6.76 1.71 0.42
C ALA A 37 5.74 0.96 1.26
N LEU A 38 5.09 -0.02 0.64
CA LEU A 38 4.09 -0.84 1.32
C LEU A 38 4.69 -1.51 2.55
N SER A 39 5.87 -2.10 2.42
CA SER A 39 6.51 -2.78 3.53
C SER A 39 6.78 -1.82 4.68
N GLN A 40 6.93 -0.54 4.36
CA GLN A 40 7.02 0.49 5.39
C GLN A 40 5.70 0.61 6.16
N LEU A 41 4.58 0.70 5.43
CA LEU A 41 3.27 0.79 6.08
C LEU A 41 2.97 -0.48 6.84
N ILE A 42 3.33 -1.61 6.26
CA ILE A 42 3.17 -2.90 6.90
C ILE A 42 3.97 -2.94 8.20
N LYS A 43 5.20 -2.47 8.12
CA LYS A 43 6.08 -2.37 9.28
C LYS A 43 5.48 -1.43 10.33
N GLU A 44 4.91 -0.32 9.88
CA GLU A 44 4.31 0.66 10.78
C GLU A 44 2.93 0.23 11.28
N ASN A 45 2.56 -1.03 10.98
CA ASN A 45 1.29 -1.60 11.40
C ASN A 45 0.12 -0.80 10.87
N LYS A 46 0.28 -0.25 9.68
CA LYS A 46 -0.77 0.53 9.04
C LYS A 46 -1.47 -0.30 7.97
N VAL A 47 -0.72 -1.21 7.36
CA VAL A 47 -1.25 -2.05 6.30
C VAL A 47 -0.87 -3.51 6.52
N GLY A 48 -1.83 -4.39 6.34
CA GLY A 48 -1.57 -5.82 6.49
C GLY A 48 -1.75 -6.56 5.19
N ARG A 49 -0.91 -7.56 4.95
CA ARG A 49 -1.01 -8.35 3.74
C ARG A 49 -1.95 -9.52 3.94
N ARG A 50 -2.90 -9.66 3.04
CA ARG A 50 -3.83 -10.77 3.07
C ARG A 50 -3.85 -11.46 1.72
N GLY A 51 -2.92 -12.38 1.55
CA GLY A 51 -2.82 -13.10 0.29
C GLY A 51 -2.40 -12.22 -0.86
N ARG A 52 -3.37 -11.88 -1.69
CA ARG A 52 -3.09 -11.08 -2.89
C ARG A 52 -3.37 -9.60 -2.67
N TYR A 53 -4.11 -9.28 -1.60
CA TYR A 53 -4.50 -7.90 -1.37
C TYR A 53 -4.06 -7.42 0.01
N PHE A 54 -4.08 -6.11 0.18
CA PHE A 54 -3.63 -5.47 1.40
C PHE A 54 -4.78 -4.73 2.06
N TYR A 55 -4.89 -4.84 3.37
CA TYR A 55 -5.96 -4.18 4.09
C TYR A 55 -5.39 -3.18 5.09
N TYR A 56 -6.13 -2.11 5.31
CA TYR A 56 -5.73 -1.07 6.24
C TYR A 56 -5.96 -1.52 7.68
N ILE A 57 -4.93 -1.36 8.51
CA ILE A 57 -5.02 -1.73 9.91
C ILE A 57 -5.36 -0.53 10.77
N LYS A 58 -6.28 -0.74 11.70
CA LYS A 58 -6.68 0.27 12.67
C LYS A 58 -5.48 0.74 13.48
N ARG A 59 -5.45 2.04 13.80
CA ARG A 59 -4.34 2.60 14.54
C ARG A 59 -4.47 2.28 16.03
N MET A 1 4.96 14.46 1.78
CA MET A 1 6.03 13.96 0.89
C MET A 1 6.91 12.95 1.62
N GLU A 2 7.15 11.83 0.98
CA GLU A 2 8.00 10.78 1.53
C GLU A 2 8.58 9.96 0.38
N ASP A 3 7.67 9.27 -0.31
CA ASP A 3 8.00 8.44 -1.45
C ASP A 3 6.72 7.81 -1.98
N VAL A 4 6.86 6.70 -2.70
CA VAL A 4 5.72 5.90 -3.13
C VAL A 4 4.72 5.71 -2.00
N LYS A 5 5.25 5.61 -0.77
CA LYS A 5 4.46 5.41 0.43
C LYS A 5 3.25 6.33 0.48
N GLN A 6 3.47 7.59 0.10
CA GLN A 6 2.43 8.61 0.21
C GLN A 6 1.21 8.24 -0.61
N SER A 7 1.43 7.68 -1.78
CA SER A 7 0.36 7.21 -2.63
C SER A 7 -0.16 5.86 -2.14
N VAL A 8 0.76 5.00 -1.72
CA VAL A 8 0.43 3.65 -1.28
C VAL A 8 -0.49 3.67 -0.06
N GLU A 9 -0.05 4.35 1.01
CA GLU A 9 -0.79 4.37 2.26
C GLU A 9 -2.18 4.97 2.04
N LYS A 10 -2.25 5.97 1.18
CA LYS A 10 -3.51 6.62 0.88
C LYS A 10 -4.49 5.66 0.22
N ILE A 11 -4.03 4.96 -0.81
CA ILE A 11 -4.88 4.05 -1.55
C ILE A 11 -5.39 2.92 -0.65
N ILE A 12 -4.50 2.45 0.23
CA ILE A 12 -4.87 1.41 1.19
C ILE A 12 -5.93 1.94 2.15
N LYS A 13 -5.73 3.14 2.66
CA LYS A 13 -6.69 3.77 3.57
C LYS A 13 -8.01 4.06 2.87
N ASP A 14 -7.90 4.58 1.66
CA ASP A 14 -9.07 5.00 0.87
C ASP A 14 -9.96 3.80 0.53
N ARG A 15 -9.36 2.71 0.11
CA ARG A 15 -10.11 1.54 -0.35
C ARG A 15 -10.29 0.50 0.74
N GLU A 16 -9.45 0.55 1.77
CA GLU A 16 -9.45 -0.42 2.88
C GLU A 16 -8.91 -1.78 2.42
N TRP A 17 -9.44 -2.28 1.31
CA TRP A 17 -8.96 -3.51 0.70
C TRP A 17 -8.58 -3.26 -0.75
N VAL A 18 -7.30 -3.44 -1.06
CA VAL A 18 -6.81 -3.24 -2.42
C VAL A 18 -5.80 -4.33 -2.77
N THR A 19 -5.83 -4.79 -4.01
CA THR A 19 -4.87 -5.78 -4.46
C THR A 19 -3.59 -5.10 -4.91
N PHE A 20 -2.48 -5.84 -4.97
CA PHE A 20 -1.23 -5.26 -5.40
C PHE A 20 -1.35 -4.72 -6.82
N ASN A 21 -2.09 -5.45 -7.64
CA ASN A 21 -2.30 -5.05 -9.03
C ASN A 21 -3.18 -3.82 -9.09
N ASP A 22 -4.09 -3.67 -8.13
CA ASP A 22 -4.96 -2.51 -8.06
C ASP A 22 -4.13 -1.27 -7.77
N LEU A 23 -3.14 -1.43 -6.88
CA LEU A 23 -2.21 -0.35 -6.54
C LEU A 23 -1.50 0.18 -7.79
N LEU A 24 -0.99 -0.74 -8.61
CA LEU A 24 -0.22 -0.38 -9.80
C LEU A 24 -1.01 0.48 -10.77
N LYS A 25 -2.33 0.31 -10.78
CA LYS A 25 -3.18 1.05 -11.69
C LYS A 25 -3.34 2.51 -11.25
N TYR A 26 -3.12 2.75 -9.97
CA TYR A 26 -3.26 4.10 -9.42
C TYR A 26 -1.90 4.67 -9.03
N ILE A 27 -0.88 3.83 -9.13
CA ILE A 27 0.48 4.24 -8.82
C ILE A 27 1.38 4.04 -10.05
N PRO A 28 1.85 5.15 -10.65
CA PRO A 28 2.70 5.11 -11.85
C PRO A 28 4.11 4.61 -11.54
N TYR A 29 4.38 4.38 -10.27
CA TYR A 29 5.69 3.91 -9.84
C TYR A 29 5.76 2.39 -9.92
N PRO A 30 6.86 1.88 -10.51
CA PRO A 30 7.15 0.45 -10.62
C PRO A 30 6.84 -0.36 -9.37
N ALA A 31 6.61 -1.67 -9.56
CA ALA A 31 6.27 -2.56 -8.44
C ALA A 31 7.26 -2.43 -7.27
N PRO A 32 8.59 -2.58 -7.51
CA PRO A 32 9.59 -2.52 -6.44
C PRO A 32 9.50 -1.25 -5.62
N GLU A 33 8.92 -0.21 -6.19
CA GLU A 33 8.74 1.05 -5.49
C GLU A 33 7.57 0.97 -4.52
N VAL A 34 6.38 0.79 -5.08
CA VAL A 34 5.16 0.71 -4.28
C VAL A 34 5.19 -0.47 -3.31
N TYR A 35 5.70 -1.60 -3.77
CA TYR A 35 5.79 -2.81 -2.96
C TYR A 35 6.70 -2.59 -1.74
N ASP A 36 7.82 -1.91 -1.94
CA ASP A 36 8.74 -1.65 -0.84
C ASP A 36 8.17 -0.58 0.06
N ALA A 37 7.60 0.44 -0.55
CA ALA A 37 6.92 1.49 0.19
C ALA A 37 5.82 0.90 1.06
N LEU A 38 5.11 -0.06 0.52
CA LEU A 38 4.06 -0.78 1.23
C LEU A 38 4.60 -1.35 2.53
N SER A 39 5.77 -1.98 2.46
CA SER A 39 6.35 -2.64 3.62
C SER A 39 6.58 -1.65 4.76
N GLN A 40 6.74 -0.38 4.41
CA GLN A 40 6.86 0.67 5.41
C GLN A 40 5.57 0.77 6.23
N LEU A 41 4.44 0.89 5.54
CA LEU A 41 3.15 1.01 6.21
C LEU A 41 2.81 -0.26 6.97
N ILE A 42 3.19 -1.39 6.39
CA ILE A 42 2.98 -2.68 7.04
C ILE A 42 3.80 -2.76 8.31
N LYS A 43 5.03 -2.25 8.24
CA LYS A 43 5.89 -2.16 9.40
C LYS A 43 5.31 -1.19 10.42
N GLU A 44 4.68 -0.12 9.95
CA GLU A 44 4.04 0.87 10.81
C GLU A 44 2.73 0.32 11.40
N ASN A 45 2.44 -0.95 11.09
CA ASN A 45 1.22 -1.61 11.52
C ASN A 45 -0.01 -0.86 11.02
N LYS A 46 0.11 -0.27 9.85
CA LYS A 46 -1.01 0.43 9.23
C LYS A 46 -1.63 -0.42 8.14
N VAL A 47 -0.84 -1.32 7.55
CA VAL A 47 -1.33 -2.16 6.46
C VAL A 47 -0.92 -3.61 6.69
N GLY A 48 -1.82 -4.54 6.39
CA GLY A 48 -1.51 -5.94 6.52
C GLY A 48 -1.55 -6.66 5.18
N ARG A 49 -0.62 -7.61 4.98
CA ARG A 49 -0.57 -8.37 3.74
C ARG A 49 -1.48 -9.58 3.82
N ARG A 50 -2.55 -9.59 3.04
CA ARG A 50 -3.47 -10.72 3.02
C ARG A 50 -3.46 -11.36 1.64
N GLY A 51 -2.42 -12.13 1.37
CA GLY A 51 -2.29 -12.80 0.09
C GLY A 51 -1.96 -11.84 -1.04
N ARG A 52 -2.96 -11.48 -1.81
CA ARG A 52 -2.77 -10.58 -2.94
C ARG A 52 -3.40 -9.22 -2.67
N TYR A 53 -4.17 -9.13 -1.59
CA TYR A 53 -4.82 -7.88 -1.23
C TYR A 53 -4.36 -7.40 0.14
N PHE A 54 -4.32 -6.09 0.30
CA PHE A 54 -3.84 -5.48 1.51
C PHE A 54 -4.97 -4.75 2.21
N TYR A 55 -4.95 -4.78 3.53
CA TYR A 55 -5.99 -4.14 4.32
C TYR A 55 -5.38 -3.18 5.32
N TYR A 56 -6.09 -2.09 5.58
CA TYR A 56 -5.64 -1.13 6.57
C TYR A 56 -5.93 -1.63 7.98
N ILE A 57 -4.91 -1.65 8.81
CA ILE A 57 -5.04 -2.15 10.17
C ILE A 57 -5.49 -1.02 11.09
N LYS A 58 -6.39 -1.35 12.00
CA LYS A 58 -6.90 -0.43 13.00
C LYS A 58 -5.79 0.24 13.80
N ARG A 59 -6.13 1.34 14.46
CA ARG A 59 -5.18 2.03 15.32
C ARG A 59 -5.35 1.55 16.75
N MET A 1 6.89 13.45 3.28
CA MET A 1 7.16 13.15 1.85
C MET A 1 7.92 11.83 1.73
N GLU A 2 7.25 10.73 2.03
CA GLU A 2 7.89 9.42 2.04
C GLU A 2 7.78 8.74 0.67
N ASP A 3 7.94 9.53 -0.38
CA ASP A 3 7.94 9.04 -1.77
C ASP A 3 6.65 8.27 -2.06
N VAL A 4 6.80 7.08 -2.66
CA VAL A 4 5.67 6.23 -3.02
C VAL A 4 4.71 6.02 -1.85
N LYS A 5 5.27 5.90 -0.65
CA LYS A 5 4.50 5.52 0.53
C LYS A 5 3.29 6.44 0.73
N GLN A 6 3.45 7.70 0.37
CA GLN A 6 2.38 8.69 0.52
C GLN A 6 1.10 8.23 -0.15
N SER A 7 1.23 7.81 -1.40
CA SER A 7 0.09 7.36 -2.18
C SER A 7 -0.29 5.92 -1.81
N VAL A 8 0.74 5.11 -1.56
CA VAL A 8 0.52 3.69 -1.24
C VAL A 8 -0.39 3.54 -0.01
N GLU A 9 -0.01 4.18 1.08
CA GLU A 9 -0.80 4.09 2.31
C GLU A 9 -2.19 4.67 2.09
N LYS A 10 -2.26 5.74 1.31
CA LYS A 10 -3.51 6.42 1.05
C LYS A 10 -4.50 5.52 0.33
N ILE A 11 -4.03 4.83 -0.71
CA ILE A 11 -4.90 3.96 -1.49
C ILE A 11 -5.45 2.83 -0.64
N ILE A 12 -4.62 2.29 0.25
CA ILE A 12 -5.05 1.24 1.17
C ILE A 12 -6.14 1.78 2.09
N LYS A 13 -5.97 3.02 2.54
CA LYS A 13 -6.95 3.67 3.40
C LYS A 13 -8.22 3.97 2.61
N ASP A 14 -8.04 4.52 1.41
CA ASP A 14 -9.14 4.95 0.55
C ASP A 14 -10.01 3.77 0.14
N ARG A 15 -9.38 2.68 -0.28
CA ARG A 15 -10.11 1.54 -0.81
C ARG A 15 -10.36 0.47 0.25
N GLU A 16 -9.78 0.67 1.44
CA GLU A 16 -9.89 -0.26 2.56
C GLU A 16 -9.04 -1.51 2.33
N TRP A 17 -9.29 -2.20 1.24
CA TRP A 17 -8.51 -3.38 0.87
C TRP A 17 -8.23 -3.38 -0.63
N VAL A 18 -6.96 -3.55 -0.98
CA VAL A 18 -6.53 -3.49 -2.37
C VAL A 18 -5.44 -4.54 -2.62
N THR A 19 -5.37 -5.08 -3.82
CA THR A 19 -4.31 -6.03 -4.16
C THR A 19 -3.11 -5.27 -4.73
N PHE A 20 -1.95 -5.89 -4.79
CA PHE A 20 -0.78 -5.21 -5.33
C PHE A 20 -1.02 -4.82 -6.77
N ASN A 21 -1.75 -5.68 -7.46
CA ASN A 21 -2.10 -5.47 -8.85
C ASN A 21 -2.99 -4.24 -8.99
N ASP A 22 -3.82 -3.99 -7.99
CA ASP A 22 -4.70 -2.83 -7.97
C ASP A 22 -3.92 -1.54 -7.80
N LEU A 23 -2.92 -1.58 -6.92
CA LEU A 23 -2.08 -0.42 -6.64
C LEU A 23 -1.43 0.11 -7.91
N LEU A 24 -1.03 -0.79 -8.79
CA LEU A 24 -0.33 -0.42 -10.01
C LEU A 24 -1.18 0.44 -10.95
N LYS A 25 -2.50 0.37 -10.78
CA LYS A 25 -3.41 1.17 -11.60
C LYS A 25 -3.38 2.63 -11.15
N TYR A 26 -3.25 2.84 -9.86
CA TYR A 26 -3.25 4.19 -9.30
C TYR A 26 -1.84 4.73 -9.19
N ILE A 27 -0.91 3.84 -8.87
CA ILE A 27 0.49 4.21 -8.68
C ILE A 27 1.23 4.20 -10.02
N PRO A 28 1.64 5.39 -10.50
CA PRO A 28 2.41 5.52 -11.74
C PRO A 28 3.90 5.27 -11.50
N TYR A 29 4.21 4.78 -10.32
CA TYR A 29 5.57 4.52 -9.90
C TYR A 29 5.84 3.01 -9.99
N PRO A 30 7.00 2.64 -10.56
CA PRO A 30 7.39 1.24 -10.78
C PRO A 30 7.07 0.31 -9.62
N ALA A 31 6.68 -0.92 -9.93
CA ALA A 31 6.19 -1.86 -8.93
C ALA A 31 7.10 -1.99 -7.70
N PRO A 32 8.42 -2.24 -7.88
CA PRO A 32 9.35 -2.42 -6.75
C PRO A 32 9.35 -1.23 -5.77
N GLU A 33 9.04 -0.04 -6.27
CA GLU A 33 9.02 1.14 -5.43
C GLU A 33 7.85 1.07 -4.46
N VAL A 34 6.66 0.88 -5.01
CA VAL A 34 5.45 0.78 -4.20
C VAL A 34 5.44 -0.49 -3.35
N TYR A 35 6.09 -1.54 -3.85
CA TYR A 35 6.24 -2.79 -3.09
C TYR A 35 6.99 -2.51 -1.79
N ASP A 36 8.13 -1.86 -1.94
CA ASP A 36 8.96 -1.48 -0.79
C ASP A 36 8.24 -0.49 0.10
N ALA A 37 7.60 0.48 -0.53
CA ALA A 37 6.80 1.46 0.19
C ALA A 37 5.73 0.75 1.03
N LEU A 38 5.07 -0.23 0.42
CA LEU A 38 4.03 -1.00 1.11
C LEU A 38 4.56 -1.65 2.36
N SER A 39 5.70 -2.33 2.26
CA SER A 39 6.26 -3.04 3.39
C SER A 39 6.61 -2.09 4.52
N GLN A 40 6.78 -0.83 4.20
CA GLN A 40 6.99 0.21 5.20
C GLN A 40 5.71 0.41 6.01
N LEU A 41 4.58 0.52 5.31
CA LEU A 41 3.28 0.69 5.98
C LEU A 41 2.93 -0.55 6.77
N ILE A 42 3.23 -1.71 6.20
CA ILE A 42 2.99 -2.98 6.86
C ILE A 42 3.81 -3.06 8.13
N LYS A 43 5.04 -2.58 8.05
CA LYS A 43 5.92 -2.48 9.20
C LYS A 43 5.40 -1.46 10.22
N GLU A 44 4.84 -0.35 9.74
CA GLU A 44 4.32 0.70 10.61
C GLU A 44 2.99 0.31 11.25
N ASN A 45 2.51 -0.90 10.94
CA ASN A 45 1.23 -1.39 11.44
C ASN A 45 0.09 -0.55 10.86
N LYS A 46 0.32 0.01 9.69
CA LYS A 46 -0.69 0.79 9.00
C LYS A 46 -1.47 -0.12 8.07
N VAL A 47 -0.73 -0.94 7.33
CA VAL A 47 -1.33 -1.83 6.35
C VAL A 47 -0.97 -3.28 6.68
N GLY A 48 -1.89 -4.19 6.45
CA GLY A 48 -1.62 -5.59 6.69
C GLY A 48 -1.84 -6.42 5.45
N ARG A 49 -1.00 -7.43 5.25
CA ARG A 49 -1.14 -8.32 4.11
C ARG A 49 -2.09 -9.45 4.46
N ARG A 50 -3.16 -9.57 3.71
CA ARG A 50 -4.10 -10.66 3.89
C ARG A 50 -4.11 -11.53 2.65
N GLY A 51 -3.01 -12.25 2.44
CA GLY A 51 -2.91 -13.15 1.32
C GLY A 51 -2.99 -12.44 -0.02
N ARG A 52 -4.20 -12.42 -0.57
CA ARG A 52 -4.44 -11.86 -1.89
C ARG A 52 -4.32 -10.33 -1.89
N TYR A 53 -4.78 -9.68 -0.84
CA TYR A 53 -4.85 -8.23 -0.82
C TYR A 53 -4.31 -7.64 0.47
N PHE A 54 -4.24 -6.31 0.49
CA PHE A 54 -3.75 -5.56 1.62
C PHE A 54 -4.89 -4.75 2.24
N TYR A 55 -5.03 -4.82 3.54
CA TYR A 55 -6.10 -4.11 4.24
C TYR A 55 -5.52 -3.09 5.19
N TYR A 56 -6.24 -1.99 5.38
CA TYR A 56 -5.80 -0.94 6.28
C TYR A 56 -6.09 -1.35 7.72
N ILE A 57 -5.06 -1.34 8.55
CA ILE A 57 -5.19 -1.73 9.95
C ILE A 57 -5.55 -0.52 10.80
N LYS A 58 -6.42 -0.74 11.76
CA LYS A 58 -6.85 0.29 12.68
C LYS A 58 -5.73 0.67 13.64
N ARG A 59 -5.83 1.86 14.19
CA ARG A 59 -4.82 2.38 15.10
C ARG A 59 -4.92 1.72 16.47
N MET A 1 10.52 12.01 3.95
CA MET A 1 11.20 11.13 2.96
C MET A 1 10.25 10.04 2.49
N GLU A 2 8.97 10.38 2.36
CA GLU A 2 7.97 9.42 1.94
C GLU A 2 7.51 9.75 0.52
N ASP A 3 7.71 8.82 -0.39
CA ASP A 3 7.33 9.03 -1.79
C ASP A 3 6.14 8.16 -2.15
N VAL A 4 6.42 6.97 -2.65
CA VAL A 4 5.39 6.00 -2.98
C VAL A 4 4.52 5.71 -1.79
N LYS A 5 5.14 5.64 -0.61
CA LYS A 5 4.42 5.33 0.61
C LYS A 5 3.22 6.25 0.78
N GLN A 6 3.40 7.52 0.40
CA GLN A 6 2.33 8.51 0.54
C GLN A 6 1.10 8.11 -0.27
N SER A 7 1.35 7.60 -1.47
CA SER A 7 0.27 7.17 -2.33
C SER A 7 -0.23 5.79 -1.87
N VAL A 8 0.71 4.90 -1.58
CA VAL A 8 0.39 3.53 -1.19
C VAL A 8 -0.54 3.50 0.03
N GLU A 9 -0.13 4.16 1.12
CA GLU A 9 -0.94 4.16 2.33
C GLU A 9 -2.30 4.79 2.08
N LYS A 10 -2.31 5.81 1.23
CA LYS A 10 -3.53 6.51 0.87
C LYS A 10 -4.49 5.58 0.14
N ILE A 11 -4.00 4.86 -0.86
CA ILE A 11 -4.82 3.94 -1.63
C ILE A 11 -5.44 2.88 -0.72
N ILE A 12 -4.63 2.37 0.21
CA ILE A 12 -5.11 1.36 1.15
C ILE A 12 -6.20 1.93 2.05
N LYS A 13 -6.07 3.19 2.42
CA LYS A 13 -7.04 3.86 3.26
C LYS A 13 -8.30 4.19 2.46
N ASP A 14 -8.10 4.64 1.23
CA ASP A 14 -9.20 5.07 0.36
C ASP A 14 -10.01 3.89 -0.14
N ARG A 15 -9.33 2.84 -0.59
CA ARG A 15 -10.00 1.70 -1.19
C ARG A 15 -10.24 0.58 -0.17
N GLU A 16 -9.60 0.73 1.00
CA GLU A 16 -9.77 -0.19 2.12
C GLU A 16 -9.11 -1.56 1.84
N TRP A 17 -9.63 -2.28 0.87
CA TRP A 17 -9.06 -3.55 0.46
C TRP A 17 -8.58 -3.45 -0.97
N VAL A 18 -7.26 -3.47 -1.16
CA VAL A 18 -6.67 -3.31 -2.47
C VAL A 18 -5.57 -4.33 -2.69
N THR A 19 -5.43 -4.82 -3.92
CA THR A 19 -4.36 -5.75 -4.24
C THR A 19 -3.14 -5.01 -4.78
N PHE A 20 -2.03 -5.70 -4.94
CA PHE A 20 -0.82 -5.06 -5.46
C PHE A 20 -1.05 -4.60 -6.89
N ASN A 21 -1.83 -5.37 -7.64
CA ASN A 21 -2.15 -5.03 -9.02
C ASN A 21 -3.09 -3.83 -9.03
N ASP A 22 -4.01 -3.79 -8.07
CA ASP A 22 -4.93 -2.67 -7.93
C ASP A 22 -4.15 -1.39 -7.63
N LEU A 23 -3.12 -1.51 -6.78
CA LEU A 23 -2.24 -0.39 -6.47
C LEU A 23 -1.60 0.17 -7.74
N LEU A 24 -1.00 -0.70 -8.53
CA LEU A 24 -0.25 -0.29 -9.73
C LEU A 24 -1.14 0.43 -10.74
N LYS A 25 -2.43 0.18 -10.65
CA LYS A 25 -3.39 0.77 -11.57
C LYS A 25 -3.77 2.19 -11.16
N TYR A 26 -3.46 2.53 -9.93
CA TYR A 26 -3.66 3.90 -9.43
C TYR A 26 -2.31 4.57 -9.22
N ILE A 27 -1.30 3.77 -8.95
CA ILE A 27 0.06 4.26 -8.72
C ILE A 27 0.95 3.98 -9.92
N PRO A 28 1.40 5.04 -10.62
CA PRO A 28 2.24 4.90 -11.82
C PRO A 28 3.71 4.60 -11.50
N TYR A 29 4.03 4.61 -10.21
CA TYR A 29 5.40 4.32 -9.76
C TYR A 29 5.71 2.83 -9.88
N PRO A 30 6.90 2.51 -10.40
CA PRO A 30 7.39 1.13 -10.54
C PRO A 30 7.07 0.26 -9.34
N ALA A 31 6.74 -1.00 -9.62
CA ALA A 31 6.32 -1.97 -8.62
C ALA A 31 7.33 -2.15 -7.48
N PRO A 32 8.64 -2.26 -7.76
CA PRO A 32 9.66 -2.37 -6.70
C PRO A 32 9.57 -1.24 -5.68
N GLU A 33 9.20 -0.06 -6.14
CA GLU A 33 9.11 1.12 -5.28
C GLU A 33 7.91 1.03 -4.35
N VAL A 34 6.74 0.79 -4.93
CA VAL A 34 5.51 0.71 -4.15
C VAL A 34 5.50 -0.53 -3.25
N TYR A 35 6.20 -1.59 -3.67
CA TYR A 35 6.33 -2.78 -2.84
C TYR A 35 7.10 -2.44 -1.57
N ASP A 36 8.24 -1.79 -1.75
CA ASP A 36 9.07 -1.33 -0.64
C ASP A 36 8.27 -0.39 0.26
N ALA A 37 7.60 0.55 -0.37
CA ALA A 37 6.75 1.50 0.32
C ALA A 37 5.68 0.78 1.14
N LEU A 38 5.03 -0.19 0.52
CA LEU A 38 4.02 -1.01 1.20
C LEU A 38 4.64 -1.67 2.43
N SER A 39 5.84 -2.23 2.23
CA SER A 39 6.55 -2.90 3.31
C SER A 39 6.76 -1.95 4.48
N GLN A 40 6.92 -0.66 4.17
CA GLN A 40 7.06 0.36 5.20
C GLN A 40 5.77 0.49 6.00
N LEU A 41 4.64 0.62 5.30
CA LEU A 41 3.34 0.73 5.97
C LEU A 41 3.04 -0.51 6.80
N ILE A 42 3.36 -1.66 6.23
CA ILE A 42 3.17 -2.93 6.93
C ILE A 42 4.05 -2.97 8.18
N LYS A 43 5.25 -2.45 8.03
CA LYS A 43 6.19 -2.31 9.15
C LYS A 43 5.68 -1.32 10.18
N GLU A 44 5.04 -0.24 9.71
CA GLU A 44 4.52 0.79 10.61
C GLU A 44 3.15 0.41 11.17
N ASN A 45 2.72 -0.82 10.88
CA ASN A 45 1.44 -1.34 11.34
C ASN A 45 0.28 -0.51 10.80
N LYS A 46 0.47 0.03 9.61
CA LYS A 46 -0.57 0.79 8.94
C LYS A 46 -1.38 -0.14 8.05
N VAL A 47 -0.68 -0.99 7.32
CA VAL A 47 -1.31 -1.89 6.36
C VAL A 47 -0.91 -3.33 6.65
N GLY A 48 -1.87 -4.24 6.53
CA GLY A 48 -1.58 -5.64 6.71
C GLY A 48 -1.81 -6.43 5.44
N ARG A 49 -1.04 -7.47 5.23
CA ARG A 49 -1.16 -8.30 4.04
C ARG A 49 -2.14 -9.44 4.27
N ARG A 50 -3.10 -9.58 3.37
CA ARG A 50 -4.07 -10.66 3.44
C ARG A 50 -3.99 -11.49 2.16
N GLY A 51 -2.89 -12.19 1.98
CA GLY A 51 -2.68 -12.95 0.76
C GLY A 51 -2.21 -12.07 -0.37
N ARG A 52 -3.12 -11.69 -1.26
CA ARG A 52 -2.77 -10.81 -2.37
C ARG A 52 -3.33 -9.40 -2.16
N TYR A 53 -4.34 -9.29 -1.30
CA TYR A 53 -4.93 -7.98 -1.03
C TYR A 53 -4.49 -7.45 0.33
N PHE A 54 -4.52 -6.14 0.46
CA PHE A 54 -4.01 -5.46 1.64
C PHE A 54 -5.13 -4.70 2.34
N TYR A 55 -5.01 -4.57 3.65
CA TYR A 55 -6.02 -3.88 4.44
C TYR A 55 -5.37 -2.89 5.39
N TYR A 56 -6.08 -1.82 5.72
CA TYR A 56 -5.58 -0.84 6.67
C TYR A 56 -5.85 -1.34 8.08
N ILE A 57 -4.79 -1.45 8.89
CA ILE A 57 -4.89 -2.05 10.20
C ILE A 57 -5.60 -1.13 11.19
N LYS A 58 -6.49 -1.72 11.97
CA LYS A 58 -7.16 -1.04 13.06
C LYS A 58 -6.13 -0.49 14.06
N ARG A 59 -6.39 0.70 14.57
CA ARG A 59 -5.50 1.30 15.55
C ARG A 59 -6.05 1.02 16.95
N MET A 1 7.19 13.66 3.07
CA MET A 1 7.37 13.34 1.63
C MET A 1 8.08 11.99 1.49
N GLU A 2 7.35 10.91 1.73
CA GLU A 2 7.94 9.58 1.76
C GLU A 2 7.77 8.84 0.44
N ASP A 3 8.04 9.53 -0.67
CA ASP A 3 8.05 8.94 -2.00
C ASP A 3 6.75 8.19 -2.29
N VAL A 4 6.88 6.96 -2.80
CA VAL A 4 5.74 6.12 -3.14
C VAL A 4 4.76 5.98 -1.98
N LYS A 5 5.29 5.91 -0.77
CA LYS A 5 4.48 5.63 0.41
C LYS A 5 3.33 6.62 0.57
N GLN A 6 3.56 7.85 0.11
CA GLN A 6 2.56 8.91 0.19
C GLN A 6 1.25 8.47 -0.48
N SER A 7 1.38 7.81 -1.62
CA SER A 7 0.22 7.34 -2.35
C SER A 7 -0.16 5.93 -1.90
N VAL A 8 0.85 5.10 -1.63
CA VAL A 8 0.62 3.70 -1.26
C VAL A 8 -0.32 3.57 -0.07
N GLU A 9 0.02 4.24 1.04
CA GLU A 9 -0.79 4.15 2.24
C GLU A 9 -2.19 4.71 1.97
N LYS A 10 -2.25 5.77 1.18
CA LYS A 10 -3.52 6.40 0.85
C LYS A 10 -4.45 5.43 0.12
N ILE A 11 -3.93 4.76 -0.90
CA ILE A 11 -4.73 3.82 -1.67
C ILE A 11 -5.33 2.75 -0.75
N ILE A 12 -4.52 2.27 0.18
CA ILE A 12 -4.96 1.26 1.13
C ILE A 12 -6.05 1.83 2.03
N LYS A 13 -5.79 2.99 2.61
CA LYS A 13 -6.73 3.64 3.53
C LYS A 13 -8.02 4.00 2.81
N ASP A 14 -7.87 4.47 1.56
CA ASP A 14 -8.99 4.92 0.75
C ASP A 14 -9.91 3.76 0.37
N ARG A 15 -9.33 2.64 -0.03
CA ARG A 15 -10.12 1.51 -0.51
C ARG A 15 -10.38 0.46 0.57
N GLU A 16 -9.77 0.65 1.74
CA GLU A 16 -9.84 -0.31 2.85
C GLU A 16 -9.02 -1.57 2.56
N TRP A 17 -9.19 -2.11 1.36
CA TRP A 17 -8.41 -3.25 0.91
C TRP A 17 -8.14 -3.13 -0.59
N VAL A 18 -6.91 -3.38 -0.99
CA VAL A 18 -6.50 -3.25 -2.38
C VAL A 18 -5.46 -4.31 -2.73
N THR A 19 -5.50 -4.80 -3.96
CA THR A 19 -4.52 -5.79 -4.40
C THR A 19 -3.25 -5.09 -4.87
N PHE A 20 -2.15 -5.83 -4.97
CA PHE A 20 -0.90 -5.23 -5.42
C PHE A 20 -1.06 -4.71 -6.84
N ASN A 21 -1.89 -5.40 -7.60
CA ASN A 21 -2.18 -5.02 -8.97
C ASN A 21 -2.95 -3.72 -9.01
N ASP A 22 -3.96 -3.59 -8.15
CA ASP A 22 -4.78 -2.39 -8.09
C ASP A 22 -3.94 -1.16 -7.78
N LEU A 23 -2.95 -1.34 -6.91
CA LEU A 23 -2.02 -0.26 -6.57
C LEU A 23 -1.35 0.30 -7.82
N LEU A 24 -1.00 -0.58 -8.75
CA LEU A 24 -0.27 -0.19 -9.95
C LEU A 24 -1.16 0.52 -10.95
N LYS A 25 -2.47 0.43 -10.75
CA LYS A 25 -3.42 1.09 -11.64
C LYS A 25 -3.65 2.52 -11.19
N TYR A 26 -3.53 2.77 -9.90
CA TYR A 26 -3.65 4.12 -9.36
C TYR A 26 -2.27 4.76 -9.28
N ILE A 27 -1.30 3.99 -8.82
CA ILE A 27 0.06 4.45 -8.68
C ILE A 27 0.87 4.08 -9.92
N PRO A 28 1.41 5.09 -10.63
CA PRO A 28 2.18 4.86 -11.86
C PRO A 28 3.63 4.46 -11.57
N TYR A 29 3.97 4.38 -10.29
CA TYR A 29 5.32 4.01 -9.88
C TYR A 29 5.54 2.50 -9.97
N PRO A 30 6.69 2.10 -10.55
CA PRO A 30 7.14 0.71 -10.61
C PRO A 30 6.83 -0.10 -9.36
N ALA A 31 6.53 -1.38 -9.58
CA ALA A 31 6.19 -2.29 -8.49
C ALA A 31 7.24 -2.29 -7.37
N PRO A 32 8.55 -2.43 -7.68
CA PRO A 32 9.61 -2.40 -6.66
C PRO A 32 9.48 -1.20 -5.72
N GLU A 33 9.09 -0.05 -6.26
CA GLU A 33 8.97 1.17 -5.47
C GLU A 33 7.82 1.05 -4.47
N VAL A 34 6.61 0.84 -4.99
CA VAL A 34 5.42 0.75 -4.15
C VAL A 34 5.48 -0.46 -3.22
N TYR A 35 6.10 -1.54 -3.68
CA TYR A 35 6.27 -2.74 -2.85
C TYR A 35 7.11 -2.41 -1.62
N ASP A 36 8.16 -1.63 -1.82
CA ASP A 36 9.05 -1.25 -0.73
C ASP A 36 8.34 -0.29 0.21
N ALA A 37 7.66 0.68 -0.40
CA ALA A 37 6.85 1.63 0.33
C ALA A 37 5.82 0.91 1.20
N LEU A 38 5.12 -0.05 0.58
CA LEU A 38 4.13 -0.85 1.28
C LEU A 38 4.72 -1.51 2.51
N SER A 39 5.93 -2.06 2.36
CA SER A 39 6.61 -2.74 3.45
C SER A 39 6.72 -1.86 4.68
N GLN A 40 6.90 -0.55 4.46
CA GLN A 40 6.93 0.41 5.55
C GLN A 40 5.60 0.47 6.27
N LEU A 41 4.50 0.62 5.53
CA LEU A 41 3.18 0.72 6.14
C LEU A 41 2.82 -0.56 6.87
N ILE A 42 3.25 -1.70 6.31
CA ILE A 42 3.02 -2.98 6.92
C ILE A 42 3.77 -3.08 8.25
N LYS A 43 5.00 -2.60 8.24
CA LYS A 43 5.82 -2.54 9.44
C LYS A 43 5.24 -1.55 10.45
N GLU A 44 4.72 -0.44 9.94
CA GLU A 44 4.12 0.61 10.78
C GLU A 44 2.74 0.19 11.27
N ASN A 45 2.36 -1.06 11.00
CA ASN A 45 1.07 -1.60 11.41
C ASN A 45 -0.10 -0.80 10.85
N LYS A 46 0.13 -0.15 9.72
CA LYS A 46 -0.91 0.62 9.07
C LYS A 46 -1.62 -0.23 8.04
N VAL A 47 -0.86 -1.10 7.39
CA VAL A 47 -1.39 -1.96 6.35
C VAL A 47 -1.00 -3.40 6.62
N GLY A 48 -1.92 -4.32 6.38
CA GLY A 48 -1.61 -5.73 6.54
C GLY A 48 -1.77 -6.49 5.24
N ARG A 49 -0.94 -7.49 5.03
CA ARG A 49 -1.05 -8.32 3.84
C ARG A 49 -1.93 -9.53 4.12
N ARG A 50 -3.04 -9.61 3.42
CA ARG A 50 -3.95 -10.73 3.56
C ARG A 50 -3.92 -11.58 2.29
N GLY A 51 -2.79 -12.23 2.06
CA GLY A 51 -2.64 -13.07 0.90
C GLY A 51 -2.71 -12.31 -0.40
N ARG A 52 -3.89 -12.27 -0.99
CA ARG A 52 -4.09 -11.65 -2.29
C ARG A 52 -3.96 -10.13 -2.22
N TYR A 53 -4.49 -9.52 -1.17
CA TYR A 53 -4.57 -8.07 -1.11
C TYR A 53 -4.10 -7.52 0.23
N PHE A 54 -4.08 -6.20 0.31
CA PHE A 54 -3.63 -5.49 1.49
C PHE A 54 -4.80 -4.77 2.14
N TYR A 55 -4.92 -4.89 3.45
CA TYR A 55 -6.02 -4.28 4.17
C TYR A 55 -5.50 -3.26 5.17
N TYR A 56 -6.31 -2.23 5.40
CA TYR A 56 -5.97 -1.17 6.34
C TYR A 56 -6.20 -1.65 7.78
N ILE A 57 -5.21 -1.40 8.64
CA ILE A 57 -5.29 -1.80 10.02
C ILE A 57 -5.64 -0.61 10.92
N LYS A 58 -6.42 -0.89 11.96
CA LYS A 58 -6.80 0.11 12.95
C LYS A 58 -5.58 0.78 13.58
N ARG A 59 -5.75 2.03 13.98
CA ARG A 59 -4.66 2.78 14.60
C ARG A 59 -4.63 2.51 16.09
N MET A 1 8.72 14.26 1.66
CA MET A 1 7.66 13.22 1.58
C MET A 1 8.23 11.95 0.97
N GLU A 2 7.89 10.81 1.57
CA GLU A 2 8.50 9.54 1.20
C GLU A 2 7.89 8.93 -0.07
N ASP A 3 8.05 9.64 -1.18
CA ASP A 3 7.74 9.12 -2.52
C ASP A 3 6.45 8.30 -2.58
N VAL A 4 6.57 7.06 -3.04
CA VAL A 4 5.44 6.15 -3.20
C VAL A 4 4.64 6.01 -1.91
N LYS A 5 5.36 5.86 -0.79
CA LYS A 5 4.76 5.53 0.49
C LYS A 5 3.64 6.48 0.87
N GLN A 6 3.74 7.72 0.39
CA GLN A 6 2.72 8.73 0.67
C GLN A 6 1.39 8.36 0.04
N SER A 7 1.45 7.90 -1.20
CA SER A 7 0.25 7.57 -1.94
C SER A 7 -0.18 6.12 -1.65
N VAL A 8 0.80 5.24 -1.44
CA VAL A 8 0.52 3.83 -1.17
C VAL A 8 -0.41 3.68 0.03
N GLU A 9 -0.06 4.32 1.14
CA GLU A 9 -0.88 4.25 2.34
C GLU A 9 -2.26 4.82 2.08
N LYS A 10 -2.32 5.91 1.31
CA LYS A 10 -3.58 6.54 0.99
C LYS A 10 -4.49 5.58 0.24
N ILE A 11 -3.95 4.90 -0.77
CA ILE A 11 -4.73 3.95 -1.54
C ILE A 11 -5.31 2.86 -0.63
N ILE A 12 -4.46 2.36 0.26
CA ILE A 12 -4.86 1.32 1.19
C ILE A 12 -5.95 1.82 2.14
N LYS A 13 -5.70 2.99 2.72
CA LYS A 13 -6.63 3.60 3.67
C LYS A 13 -7.95 3.95 2.98
N ASP A 14 -7.85 4.32 1.71
CA ASP A 14 -9.01 4.74 0.94
C ASP A 14 -9.89 3.57 0.56
N ARG A 15 -9.31 2.54 -0.04
CA ARG A 15 -10.09 1.41 -0.54
C ARG A 15 -10.32 0.37 0.55
N GLU A 16 -9.59 0.51 1.66
CA GLU A 16 -9.67 -0.41 2.80
C GLU A 16 -8.96 -1.72 2.48
N TRP A 17 -9.27 -2.31 1.34
CA TRP A 17 -8.57 -3.49 0.86
C TRP A 17 -8.28 -3.35 -0.63
N VAL A 18 -7.03 -3.52 -1.01
CA VAL A 18 -6.61 -3.37 -2.40
C VAL A 18 -5.54 -4.40 -2.74
N THR A 19 -5.57 -4.92 -3.96
CA THR A 19 -4.56 -5.87 -4.40
C THR A 19 -3.33 -5.13 -4.93
N PHE A 20 -2.18 -5.81 -5.00
CA PHE A 20 -0.98 -5.18 -5.52
C PHE A 20 -1.21 -4.74 -6.96
N ASN A 21 -1.98 -5.54 -7.69
CA ASN A 21 -2.37 -5.20 -9.06
C ASN A 21 -3.15 -3.90 -9.08
N ASP A 22 -4.12 -3.77 -8.18
CA ASP A 22 -4.97 -2.58 -8.13
C ASP A 22 -4.13 -1.34 -7.81
N LEU A 23 -3.12 -1.52 -6.95
CA LEU A 23 -2.19 -0.45 -6.61
C LEU A 23 -1.50 0.08 -7.86
N LEU A 24 -1.01 -0.82 -8.70
CA LEU A 24 -0.22 -0.44 -9.88
C LEU A 24 -1.05 0.33 -10.90
N LYS A 25 -2.37 0.26 -10.77
CA LYS A 25 -3.25 0.98 -11.68
C LYS A 25 -3.41 2.43 -11.22
N TYR A 26 -3.43 2.65 -9.92
CA TYR A 26 -3.51 4.00 -9.36
C TYR A 26 -2.12 4.59 -9.21
N ILE A 27 -1.18 3.73 -8.87
CA ILE A 27 0.20 4.12 -8.64
C ILE A 27 1.03 3.91 -9.90
N PRO A 28 1.48 5.00 -10.55
CA PRO A 28 2.28 4.92 -11.77
C PRO A 28 3.73 4.52 -11.50
N TYR A 29 4.07 4.46 -10.22
CA TYR A 29 5.42 4.09 -9.79
C TYR A 29 5.63 2.59 -9.90
N PRO A 30 6.78 2.18 -10.46
CA PRO A 30 7.16 0.77 -10.64
C PRO A 30 6.85 -0.12 -9.43
N ALA A 31 6.63 -1.40 -9.68
CA ALA A 31 6.22 -2.33 -8.63
C ALA A 31 7.15 -2.27 -7.40
N PRO A 32 8.47 -2.45 -7.57
CA PRO A 32 9.42 -2.41 -6.44
C PRO A 32 9.32 -1.14 -5.63
N GLU A 33 8.96 -0.04 -6.29
CA GLU A 33 8.81 1.25 -5.61
C GLU A 33 7.70 1.18 -4.58
N VAL A 34 6.49 0.90 -5.06
CA VAL A 34 5.32 0.82 -4.20
C VAL A 34 5.41 -0.39 -3.26
N TYR A 35 6.05 -1.46 -3.73
CA TYR A 35 6.23 -2.66 -2.92
C TYR A 35 7.08 -2.36 -1.68
N ASP A 36 8.20 -1.68 -1.88
CA ASP A 36 9.08 -1.32 -0.77
C ASP A 36 8.36 -0.38 0.18
N ALA A 37 7.69 0.59 -0.42
CA ALA A 37 6.89 1.56 0.32
C ALA A 37 5.83 0.85 1.17
N LEU A 38 5.09 -0.06 0.53
CA LEU A 38 4.07 -0.85 1.22
C LEU A 38 4.67 -1.55 2.43
N SER A 39 5.82 -2.19 2.21
CA SER A 39 6.51 -2.94 3.25
C SER A 39 6.69 -2.08 4.51
N GLN A 40 6.99 -0.80 4.31
CA GLN A 40 7.15 0.13 5.42
C GLN A 40 5.84 0.30 6.17
N LEU A 41 4.75 0.54 5.46
CA LEU A 41 3.46 0.78 6.10
C LEU A 41 2.95 -0.47 6.79
N ILE A 42 3.24 -1.62 6.20
CA ILE A 42 2.87 -2.90 6.79
C ILE A 42 3.59 -3.07 8.12
N LYS A 43 4.86 -2.71 8.13
CA LYS A 43 5.68 -2.74 9.34
C LYS A 43 5.13 -1.79 10.40
N GLU A 44 4.73 -0.59 9.97
CA GLU A 44 4.26 0.44 10.88
C GLU A 44 2.81 0.20 11.33
N ASN A 45 2.30 -1.00 11.03
CA ASN A 45 0.95 -1.41 11.44
C ASN A 45 -0.11 -0.50 10.84
N LYS A 46 0.19 0.04 9.67
CA LYS A 46 -0.79 0.81 8.90
C LYS A 46 -1.52 -0.12 7.95
N VAL A 47 -0.76 -0.97 7.30
CA VAL A 47 -1.31 -1.89 6.31
C VAL A 47 -1.03 -3.33 6.72
N GLY A 48 -1.99 -4.20 6.47
CA GLY A 48 -1.79 -5.61 6.73
C GLY A 48 -1.89 -6.41 5.47
N ARG A 49 -0.96 -7.34 5.27
CA ARG A 49 -1.00 -8.20 4.11
C ARG A 49 -2.02 -9.30 4.31
N ARG A 50 -2.80 -9.54 3.29
CA ARG A 50 -3.72 -10.65 3.28
C ARG A 50 -3.54 -11.42 1.97
N GLY A 51 -2.40 -12.07 1.85
CA GLY A 51 -2.08 -12.80 0.65
C GLY A 51 -1.87 -11.87 -0.53
N ARG A 52 -2.85 -11.80 -1.41
CA ARG A 52 -2.73 -11.02 -2.64
C ARG A 52 -3.25 -9.59 -2.45
N TYR A 53 -4.07 -9.39 -1.43
CA TYR A 53 -4.63 -8.06 -1.18
C TYR A 53 -4.18 -7.51 0.18
N PHE A 54 -4.20 -6.20 0.29
CA PHE A 54 -3.73 -5.52 1.49
C PHE A 54 -4.87 -4.75 2.12
N TYR A 55 -4.96 -4.80 3.43
CA TYR A 55 -6.04 -4.12 4.13
C TYR A 55 -5.49 -3.07 5.10
N TYR A 56 -6.24 -1.99 5.26
CA TYR A 56 -5.87 -0.92 6.18
C TYR A 56 -6.22 -1.33 7.61
N ILE A 57 -5.22 -1.31 8.47
CA ILE A 57 -5.39 -1.72 9.85
C ILE A 57 -5.98 -0.59 10.69
N LYS A 58 -6.79 -0.97 11.68
CA LYS A 58 -7.38 -0.02 12.62
C LYS A 58 -6.29 0.65 13.43
N ARG A 59 -6.62 1.81 14.00
CA ARG A 59 -5.66 2.53 14.82
C ARG A 59 -5.79 2.10 16.27
N MET A 1 11.47 12.56 1.71
CA MET A 1 10.18 12.35 1.01
C MET A 1 9.87 10.87 0.94
N GLU A 2 8.65 10.52 1.32
CA GLU A 2 8.25 9.11 1.37
C GLU A 2 7.78 8.63 0.00
N ASP A 3 7.48 9.58 -0.88
CA ASP A 3 7.21 9.29 -2.29
C ASP A 3 6.03 8.34 -2.46
N VAL A 4 6.29 7.15 -2.98
CA VAL A 4 5.25 6.13 -3.17
C VAL A 4 4.42 5.91 -1.92
N LYS A 5 5.08 5.88 -0.76
CA LYS A 5 4.42 5.57 0.50
C LYS A 5 3.22 6.47 0.73
N GLN A 6 3.35 7.74 0.36
CA GLN A 6 2.29 8.71 0.57
C GLN A 6 1.03 8.32 -0.21
N SER A 7 1.23 7.75 -1.38
CA SER A 7 0.13 7.28 -2.21
C SER A 7 -0.35 5.92 -1.71
N VAL A 8 0.61 5.02 -1.46
CA VAL A 8 0.31 3.65 -1.05
C VAL A 8 -0.56 3.61 0.20
N GLU A 9 -0.09 4.26 1.27
CA GLU A 9 -0.80 4.24 2.55
C GLU A 9 -2.22 4.76 2.37
N LYS A 10 -2.36 5.82 1.58
CA LYS A 10 -3.66 6.45 1.36
C LYS A 10 -4.59 5.53 0.59
N ILE A 11 -4.10 4.94 -0.49
CA ILE A 11 -4.93 4.08 -1.32
C ILE A 11 -5.43 2.87 -0.55
N ILE A 12 -4.60 2.36 0.36
CA ILE A 12 -4.99 1.24 1.21
C ILE A 12 -6.11 1.69 2.16
N LYS A 13 -5.96 2.88 2.73
CA LYS A 13 -6.97 3.46 3.60
C LYS A 13 -8.27 3.69 2.84
N ASP A 14 -8.14 4.40 1.73
CA ASP A 14 -9.27 4.83 0.92
C ASP A 14 -10.07 3.64 0.38
N ARG A 15 -9.38 2.68 -0.20
CA ARG A 15 -10.05 1.57 -0.87
C ARG A 15 -10.30 0.41 0.07
N GLU A 16 -9.73 0.51 1.27
CA GLU A 16 -9.94 -0.46 2.35
C GLU A 16 -9.23 -1.78 2.07
N TRP A 17 -9.50 -2.39 0.92
CA TRP A 17 -8.81 -3.60 0.51
C TRP A 17 -8.40 -3.48 -0.95
N VAL A 18 -7.10 -3.51 -1.19
CA VAL A 18 -6.56 -3.36 -2.52
C VAL A 18 -5.44 -4.37 -2.73
N THR A 19 -5.34 -4.90 -3.94
CA THR A 19 -4.29 -5.84 -4.27
C THR A 19 -3.05 -5.11 -4.76
N PHE A 20 -1.89 -5.75 -4.72
CA PHE A 20 -0.66 -5.11 -5.16
C PHE A 20 -0.79 -4.70 -6.62
N ASN A 21 -1.45 -5.54 -7.40
CA ASN A 21 -1.66 -5.26 -8.81
C ASN A 21 -2.61 -4.09 -9.01
N ASP A 22 -3.56 -3.93 -8.10
CA ASP A 22 -4.52 -2.83 -8.19
C ASP A 22 -3.85 -1.51 -7.90
N LEU A 23 -2.89 -1.54 -6.98
CA LEU A 23 -2.09 -0.36 -6.65
C LEU A 23 -1.41 0.20 -7.89
N LEU A 24 -0.91 -0.68 -8.74
CA LEU A 24 -0.18 -0.27 -9.93
C LEU A 24 -1.05 0.53 -10.91
N LYS A 25 -2.36 0.35 -10.81
CA LYS A 25 -3.28 1.06 -11.69
C LYS A 25 -3.43 2.52 -11.25
N TYR A 26 -3.26 2.75 -9.96
CA TYR A 26 -3.45 4.09 -9.41
C TYR A 26 -2.11 4.70 -9.03
N ILE A 27 -1.08 3.88 -9.02
CA ILE A 27 0.27 4.31 -8.71
C ILE A 27 1.17 4.10 -9.94
N PRO A 28 1.63 5.20 -10.56
CA PRO A 28 2.47 5.14 -11.77
C PRO A 28 3.91 4.74 -11.46
N TYR A 29 4.19 4.55 -10.18
CA TYR A 29 5.51 4.15 -9.73
C TYR A 29 5.70 2.65 -9.87
N PRO A 30 6.86 2.22 -10.41
CA PRO A 30 7.21 0.81 -10.60
C PRO A 30 6.92 -0.06 -9.38
N ALA A 31 6.61 -1.33 -9.62
CA ALA A 31 6.23 -2.25 -8.55
C ALA A 31 7.20 -2.22 -7.37
N PRO A 32 8.53 -2.40 -7.59
CA PRO A 32 9.52 -2.38 -6.52
C PRO A 32 9.44 -1.13 -5.65
N GLU A 33 9.04 -0.01 -6.25
CA GLU A 33 8.94 1.25 -5.51
C GLU A 33 7.77 1.20 -4.54
N VAL A 34 6.59 0.90 -5.06
CA VAL A 34 5.39 0.81 -4.23
C VAL A 34 5.47 -0.36 -3.26
N TYR A 35 6.17 -1.42 -3.66
CA TYR A 35 6.38 -2.57 -2.80
C TYR A 35 7.24 -2.18 -1.60
N ASP A 36 8.30 -1.43 -1.87
CA ASP A 36 9.20 -0.93 -0.82
C ASP A 36 8.45 0.01 0.10
N ALA A 37 7.64 0.84 -0.51
CA ALA A 37 6.78 1.74 0.22
C ALA A 37 5.79 0.96 1.09
N LEU A 38 5.14 -0.02 0.48
CA LEU A 38 4.13 -0.85 1.16
C LEU A 38 4.71 -1.50 2.41
N SER A 39 5.89 -2.13 2.27
CA SER A 39 6.51 -2.84 3.38
C SER A 39 6.71 -1.93 4.58
N GLN A 40 7.04 -0.68 4.30
CA GLN A 40 7.14 0.34 5.33
C GLN A 40 5.83 0.49 6.10
N LEU A 41 4.71 0.63 5.39
CA LEU A 41 3.41 0.76 6.05
C LEU A 41 3.06 -0.52 6.79
N ILE A 42 3.35 -1.65 6.18
CA ILE A 42 3.10 -2.94 6.79
C ILE A 42 3.89 -3.06 8.10
N LYS A 43 5.15 -2.66 8.04
CA LYS A 43 6.03 -2.64 9.20
C LYS A 43 5.53 -1.63 10.25
N GLU A 44 4.93 -0.53 9.79
CA GLU A 44 4.36 0.47 10.67
C GLU A 44 2.98 0.07 11.17
N ASN A 45 2.60 -1.20 10.93
CA ASN A 45 1.30 -1.73 11.33
C ASN A 45 0.17 -0.88 10.76
N LYS A 46 0.40 -0.36 9.57
CA LYS A 46 -0.60 0.43 8.88
C LYS A 46 -1.35 -0.43 7.88
N VAL A 47 -0.62 -1.24 7.15
CA VAL A 47 -1.21 -2.12 6.17
C VAL A 47 -0.97 -3.57 6.52
N GLY A 48 -2.00 -4.38 6.42
CA GLY A 48 -1.86 -5.80 6.67
C GLY A 48 -2.07 -6.60 5.40
N ARG A 49 -1.17 -7.52 5.13
CA ARG A 49 -1.28 -8.36 3.95
C ARG A 49 -2.25 -9.51 4.23
N ARG A 50 -3.36 -9.51 3.53
CA ARG A 50 -4.36 -10.56 3.68
C ARG A 50 -4.41 -11.39 2.40
N GLY A 51 -3.43 -12.26 2.24
CA GLY A 51 -3.40 -13.16 1.11
C GLY A 51 -3.29 -12.43 -0.23
N ARG A 52 -4.43 -12.25 -0.87
CA ARG A 52 -4.48 -11.65 -2.20
C ARG A 52 -4.36 -10.12 -2.11
N TYR A 53 -5.00 -9.53 -1.12
CA TYR A 53 -5.09 -8.08 -1.03
C TYR A 53 -4.57 -7.55 0.29
N PHE A 54 -4.50 -6.23 0.39
CA PHE A 54 -4.00 -5.54 1.57
C PHE A 54 -5.12 -4.73 2.20
N TYR A 55 -5.20 -4.75 3.52
CA TYR A 55 -6.20 -3.96 4.23
C TYR A 55 -5.51 -3.00 5.19
N TYR A 56 -6.20 -1.91 5.53
CA TYR A 56 -5.61 -0.91 6.41
C TYR A 56 -5.93 -1.21 7.87
N ILE A 57 -4.88 -1.28 8.67
CA ILE A 57 -5.00 -1.52 10.09
C ILE A 57 -5.29 -0.20 10.80
N LYS A 58 -6.14 -0.26 11.83
CA LYS A 58 -6.61 0.91 12.53
C LYS A 58 -5.47 1.78 13.06
N ARG A 59 -5.71 3.10 13.05
CA ARG A 59 -4.76 4.11 13.47
C ARG A 59 -3.55 4.16 12.53
N MET A 1 8.15 14.40 0.59
CA MET A 1 6.95 13.57 0.84
C MET A 1 7.32 12.09 0.94
N GLU A 2 8.34 11.79 1.75
CA GLU A 2 8.82 10.43 1.95
C GLU A 2 9.19 9.75 0.63
N ASP A 3 8.27 8.95 0.12
CA ASP A 3 8.50 8.11 -1.06
C ASP A 3 7.15 7.80 -1.69
N VAL A 4 7.11 6.70 -2.45
CA VAL A 4 5.86 6.11 -2.94
C VAL A 4 4.85 5.96 -1.80
N LYS A 5 5.38 5.80 -0.59
CA LYS A 5 4.60 5.45 0.59
C LYS A 5 3.35 6.32 0.77
N GLN A 6 3.46 7.60 0.45
CA GLN A 6 2.33 8.53 0.61
C GLN A 6 1.11 8.07 -0.17
N SER A 7 1.34 7.69 -1.43
CA SER A 7 0.26 7.23 -2.29
C SER A 7 -0.14 5.81 -1.94
N VAL A 8 0.85 5.01 -1.58
CA VAL A 8 0.62 3.60 -1.25
C VAL A 8 -0.33 3.47 -0.07
N GLU A 9 0.01 4.13 1.05
CA GLU A 9 -0.80 4.05 2.25
C GLU A 9 -2.19 4.63 1.99
N LYS A 10 -2.23 5.69 1.19
CA LYS A 10 -3.48 6.40 0.92
C LYS A 10 -4.49 5.51 0.23
N ILE A 11 -4.05 4.80 -0.82
CA ILE A 11 -4.95 3.93 -1.57
C ILE A 11 -5.47 2.82 -0.67
N ILE A 12 -4.62 2.32 0.21
CA ILE A 12 -5.02 1.29 1.17
C ILE A 12 -6.08 1.85 2.12
N LYS A 13 -5.90 3.09 2.54
CA LYS A 13 -6.85 3.76 3.43
C LYS A 13 -8.16 4.06 2.69
N ASP A 14 -8.03 4.52 1.46
CA ASP A 14 -9.18 4.92 0.66
C ASP A 14 -10.02 3.71 0.25
N ARG A 15 -9.36 2.70 -0.30
CA ARG A 15 -10.07 1.53 -0.81
C ARG A 15 -10.28 0.49 0.27
N GLU A 16 -9.60 0.69 1.41
CA GLU A 16 -9.70 -0.19 2.58
C GLU A 16 -8.98 -1.52 2.36
N TRP A 17 -9.28 -2.18 1.26
CA TRP A 17 -8.59 -3.41 0.89
C TRP A 17 -8.33 -3.42 -0.62
N VAL A 18 -7.07 -3.50 -0.99
CA VAL A 18 -6.66 -3.39 -2.39
C VAL A 18 -5.58 -4.42 -2.70
N THR A 19 -5.60 -4.95 -3.91
CA THR A 19 -4.61 -5.91 -4.34
C THR A 19 -3.38 -5.19 -4.90
N PHE A 20 -2.23 -5.84 -4.95
CA PHE A 20 -1.00 -5.20 -5.39
C PHE A 20 -1.16 -4.63 -6.79
N ASN A 21 -1.82 -5.41 -7.63
CA ASN A 21 -2.07 -5.02 -9.00
C ASN A 21 -2.97 -3.80 -9.07
N ASP A 22 -3.94 -3.72 -8.16
CA ASP A 22 -4.86 -2.59 -8.12
C ASP A 22 -4.10 -1.30 -7.82
N LEU A 23 -3.12 -1.41 -6.92
CA LEU A 23 -2.23 -0.29 -6.60
C LEU A 23 -1.55 0.22 -7.85
N LEU A 24 -1.07 -0.71 -8.67
CA LEU A 24 -0.32 -0.36 -9.87
C LEU A 24 -1.18 0.36 -10.89
N LYS A 25 -2.50 0.16 -10.82
CA LYS A 25 -3.41 0.80 -11.75
C LYS A 25 -3.68 2.25 -11.35
N TYR A 26 -3.49 2.56 -10.07
CA TYR A 26 -3.67 3.92 -9.59
C TYR A 26 -2.32 4.62 -9.44
N ILE A 27 -1.31 3.85 -9.08
CA ILE A 27 0.04 4.36 -8.87
C ILE A 27 0.88 4.20 -10.14
N PRO A 28 1.39 5.32 -10.69
CA PRO A 28 2.24 5.30 -11.90
C PRO A 28 3.70 4.99 -11.59
N TYR A 29 3.97 4.71 -10.32
CA TYR A 29 5.32 4.40 -9.87
C TYR A 29 5.56 2.90 -9.97
N PRO A 30 6.72 2.50 -10.52
CA PRO A 30 7.17 1.10 -10.60
C PRO A 30 6.84 0.26 -9.38
N ALA A 31 6.57 -1.02 -9.64
CA ALA A 31 6.15 -1.96 -8.61
C ALA A 31 7.16 -2.09 -7.46
N PRO A 32 8.48 -2.22 -7.73
CA PRO A 32 9.48 -2.33 -6.66
C PRO A 32 9.44 -1.16 -5.69
N GLU A 33 8.99 0.00 -6.18
CA GLU A 33 8.88 1.18 -5.33
C GLU A 33 7.74 1.02 -4.34
N VAL A 34 6.52 0.88 -4.86
CA VAL A 34 5.34 0.75 -4.02
C VAL A 34 5.41 -0.51 -3.15
N TYR A 35 6.02 -1.56 -3.68
CA TYR A 35 6.18 -2.80 -2.92
C TYR A 35 7.01 -2.57 -1.66
N ASP A 36 8.11 -1.82 -1.80
CA ASP A 36 8.99 -1.52 -0.68
C ASP A 36 8.29 -0.58 0.29
N ALA A 37 7.70 0.46 -0.26
CA ALA A 37 6.95 1.42 0.53
C ALA A 37 5.83 0.73 1.31
N LEU A 38 5.20 -0.26 0.69
CA LEU A 38 4.14 -1.03 1.33
C LEU A 38 4.63 -1.67 2.61
N SER A 39 5.77 -2.35 2.54
CA SER A 39 6.33 -3.02 3.71
C SER A 39 6.72 -2.00 4.79
N GLN A 40 6.86 -0.75 4.41
CA GLN A 40 7.10 0.31 5.37
C GLN A 40 5.83 0.58 6.17
N LEU A 41 4.69 0.62 5.48
CA LEU A 41 3.41 0.79 6.17
C LEU A 41 3.07 -0.45 6.97
N ILE A 42 3.40 -1.60 6.41
CA ILE A 42 3.19 -2.88 7.10
C ILE A 42 4.00 -2.91 8.39
N LYS A 43 5.22 -2.40 8.32
CA LYS A 43 6.07 -2.27 9.50
C LYS A 43 5.45 -1.31 10.50
N GLU A 44 4.83 -0.24 10.00
CA GLU A 44 4.18 0.76 10.85
C GLU A 44 2.77 0.33 11.24
N ASN A 45 2.44 -0.94 10.95
CA ASN A 45 1.13 -1.51 11.24
C ASN A 45 0.00 -0.67 10.68
N LYS A 46 0.24 -0.06 9.53
CA LYS A 46 -0.79 0.67 8.82
C LYS A 46 -1.48 -0.24 7.83
N VAL A 47 -0.70 -1.03 7.11
CA VAL A 47 -1.24 -1.93 6.11
C VAL A 47 -0.87 -3.37 6.44
N GLY A 48 -1.82 -4.26 6.27
CA GLY A 48 -1.56 -5.68 6.47
C GLY A 48 -1.81 -6.47 5.21
N ARG A 49 -0.93 -7.43 4.93
CA ARG A 49 -1.09 -8.26 3.75
C ARG A 49 -1.90 -9.50 4.09
N ARG A 50 -3.08 -9.61 3.53
CA ARG A 50 -3.91 -10.76 3.75
C ARG A 50 -3.97 -11.62 2.49
N GLY A 51 -2.84 -12.24 2.18
CA GLY A 51 -2.76 -13.09 1.01
C GLY A 51 -2.56 -12.29 -0.26
N ARG A 52 -3.64 -12.15 -1.03
CA ARG A 52 -3.57 -11.50 -2.33
C ARG A 52 -3.80 -9.99 -2.23
N TYR A 53 -4.45 -9.54 -1.15
CA TYR A 53 -4.78 -8.13 -1.02
C TYR A 53 -4.28 -7.54 0.29
N PHE A 54 -4.23 -6.22 0.32
CA PHE A 54 -3.76 -5.48 1.48
C PHE A 54 -4.90 -4.70 2.10
N TYR A 55 -5.01 -4.76 3.42
CA TYR A 55 -6.07 -4.05 4.12
C TYR A 55 -5.47 -3.04 5.09
N TYR A 56 -6.18 -1.93 5.30
CA TYR A 56 -5.73 -0.91 6.23
C TYR A 56 -6.05 -1.32 7.66
N ILE A 57 -5.04 -1.30 8.51
CA ILE A 57 -5.17 -1.73 9.89
C ILE A 57 -5.61 -0.56 10.77
N LYS A 58 -6.43 -0.87 11.77
CA LYS A 58 -6.90 0.12 12.74
C LYS A 58 -5.74 0.72 13.53
N ARG A 59 -6.04 1.71 14.36
CA ARG A 59 -5.03 2.36 15.18
C ARG A 59 -4.95 1.67 16.54
N MET A 1 6.70 13.42 3.92
CA MET A 1 6.76 13.58 2.45
C MET A 1 7.70 12.55 1.85
N GLU A 2 7.27 11.29 1.86
CA GLU A 2 8.08 10.19 1.36
C GLU A 2 7.85 10.01 -0.13
N ASP A 3 8.28 8.88 -0.67
CA ASP A 3 8.08 8.58 -2.08
C ASP A 3 6.72 7.95 -2.32
N VAL A 4 6.74 6.74 -2.86
CA VAL A 4 5.52 5.98 -3.15
C VAL A 4 4.61 5.86 -1.93
N LYS A 5 5.22 5.74 -0.76
CA LYS A 5 4.49 5.51 0.49
C LYS A 5 3.35 6.50 0.64
N GLN A 6 3.58 7.74 0.20
CA GLN A 6 2.58 8.80 0.32
C GLN A 6 1.24 8.38 -0.29
N SER A 7 1.28 7.83 -1.49
CA SER A 7 0.08 7.39 -2.17
C SER A 7 -0.35 6.01 -1.68
N VAL A 8 0.63 5.14 -1.44
CA VAL A 8 0.36 3.76 -1.03
C VAL A 8 -0.51 3.71 0.22
N GLU A 9 -0.06 4.38 1.28
CA GLU A 9 -0.79 4.36 2.55
C GLU A 9 -2.20 4.92 2.39
N LYS A 10 -2.33 5.96 1.57
CA LYS A 10 -3.62 6.59 1.35
C LYS A 10 -4.56 5.66 0.59
N ILE A 11 -4.05 5.00 -0.45
CA ILE A 11 -4.88 4.13 -1.26
C ILE A 11 -5.35 2.92 -0.47
N ILE A 12 -4.48 2.39 0.40
CA ILE A 12 -4.87 1.29 1.26
C ILE A 12 -6.01 1.72 2.18
N LYS A 13 -5.92 2.95 2.66
CA LYS A 13 -6.98 3.53 3.49
C LYS A 13 -8.25 3.75 2.67
N ASP A 14 -8.07 4.35 1.50
CA ASP A 14 -9.18 4.76 0.67
C ASP A 14 -9.95 3.57 0.09
N ARG A 15 -9.22 2.55 -0.34
CA ARG A 15 -9.86 1.38 -0.92
C ARG A 15 -10.15 0.32 0.13
N GLU A 16 -9.59 0.53 1.34
CA GLU A 16 -9.76 -0.36 2.49
C GLU A 16 -8.98 -1.66 2.32
N TRP A 17 -9.19 -2.33 1.19
CA TRP A 17 -8.44 -3.53 0.85
C TRP A 17 -8.13 -3.55 -0.65
N VAL A 18 -6.86 -3.49 -0.98
CA VAL A 18 -6.42 -3.37 -2.36
C VAL A 18 -5.32 -4.39 -2.65
N THR A 19 -5.35 -4.96 -3.84
CA THR A 19 -4.34 -5.92 -4.24
C THR A 19 -3.10 -5.20 -4.75
N PHE A 20 -1.95 -5.85 -4.69
CA PHE A 20 -0.71 -5.20 -5.10
C PHE A 20 -0.82 -4.70 -6.53
N ASN A 21 -1.42 -5.52 -7.39
CA ASN A 21 -1.54 -5.17 -8.80
C ASN A 21 -2.60 -4.09 -9.02
N ASP A 22 -3.46 -3.88 -8.03
CA ASP A 22 -4.47 -2.82 -8.12
C ASP A 22 -3.82 -1.47 -7.87
N LEU A 23 -2.88 -1.44 -6.93
CA LEU A 23 -2.12 -0.24 -6.61
C LEU A 23 -1.46 0.32 -7.85
N LEU A 24 -0.99 -0.56 -8.72
CA LEU A 24 -0.25 -0.17 -9.92
C LEU A 24 -1.11 0.61 -10.91
N LYS A 25 -2.41 0.54 -10.75
CA LYS A 25 -3.32 1.28 -11.62
C LYS A 25 -3.42 2.73 -11.18
N TYR A 26 -3.43 2.93 -9.87
CA TYR A 26 -3.54 4.27 -9.30
C TYR A 26 -2.16 4.88 -9.11
N ILE A 27 -1.17 4.02 -8.93
CA ILE A 27 0.20 4.44 -8.71
C ILE A 27 1.05 4.17 -9.95
N PRO A 28 1.58 5.24 -10.58
CA PRO A 28 2.41 5.12 -11.78
C PRO A 28 3.82 4.62 -11.49
N TYR A 29 4.15 4.55 -10.21
CA TYR A 29 5.45 4.07 -9.77
C TYR A 29 5.56 2.56 -9.97
N PRO A 30 6.69 2.10 -10.55
CA PRO A 30 6.98 0.68 -10.76
C PRO A 30 6.71 -0.19 -9.54
N ALA A 31 6.42 -1.47 -9.78
CA ALA A 31 6.08 -2.39 -8.70
C ALA A 31 7.08 -2.35 -7.53
N PRO A 32 8.40 -2.52 -7.80
CA PRO A 32 9.43 -2.51 -6.75
C PRO A 32 9.34 -1.30 -5.83
N GLU A 33 8.91 -0.17 -6.40
CA GLU A 33 8.80 1.07 -5.65
C GLU A 33 7.69 0.96 -4.61
N VAL A 34 6.47 0.74 -5.09
CA VAL A 34 5.30 0.66 -4.24
C VAL A 34 5.36 -0.57 -3.32
N TYR A 35 6.01 -1.63 -3.79
CA TYR A 35 6.16 -2.84 -2.98
C TYR A 35 6.98 -2.55 -1.73
N ASP A 36 8.05 -1.79 -1.91
CA ASP A 36 8.91 -1.42 -0.79
C ASP A 36 8.21 -0.42 0.10
N ALA A 37 7.55 0.53 -0.53
CA ALA A 37 6.75 1.52 0.18
C ALA A 37 5.72 0.85 1.07
N LEU A 38 5.00 -0.10 0.50
CA LEU A 38 3.99 -0.86 1.22
C LEU A 38 4.61 -1.49 2.47
N SER A 39 5.79 -2.06 2.30
CA SER A 39 6.49 -2.75 3.37
C SER A 39 6.67 -1.82 4.58
N GLN A 40 6.89 -0.54 4.31
CA GLN A 40 7.00 0.46 5.36
C GLN A 40 5.70 0.57 6.16
N LEU A 41 4.57 0.72 5.46
CA LEU A 41 3.27 0.86 6.13
C LEU A 41 2.91 -0.41 6.88
N ILE A 42 3.24 -1.55 6.28
CA ILE A 42 3.01 -2.83 6.92
C ILE A 42 3.82 -2.93 8.21
N LYS A 43 5.07 -2.48 8.15
CA LYS A 43 5.94 -2.42 9.31
C LYS A 43 5.37 -1.43 10.34
N GLU A 44 4.74 -0.37 9.86
CA GLU A 44 4.12 0.62 10.73
C GLU A 44 2.79 0.10 11.29
N ASN A 45 2.48 -1.16 10.96
CA ASN A 45 1.25 -1.81 11.39
C ASN A 45 0.03 -1.07 10.87
N LYS A 46 0.22 -0.38 9.75
CA LYS A 46 -0.85 0.36 9.12
C LYS A 46 -1.52 -0.47 8.05
N VAL A 47 -0.77 -1.41 7.48
CA VAL A 47 -1.30 -2.26 6.43
C VAL A 47 -0.98 -3.72 6.72
N GLY A 48 -1.92 -4.59 6.41
CA GLY A 48 -1.69 -6.02 6.58
C GLY A 48 -1.82 -6.76 5.27
N ARG A 49 -0.92 -7.71 5.04
CA ARG A 49 -0.95 -8.50 3.82
C ARG A 49 -1.93 -9.67 3.98
N ARG A 50 -3.13 -9.51 3.48
CA ARG A 50 -4.12 -10.57 3.55
C ARG A 50 -4.25 -11.29 2.22
N GLY A 51 -3.36 -12.26 2.01
CA GLY A 51 -3.36 -13.02 0.77
C GLY A 51 -2.82 -12.19 -0.39
N ARG A 52 -3.72 -11.76 -1.27
CA ARG A 52 -3.32 -10.94 -2.41
C ARG A 52 -3.70 -9.47 -2.20
N TYR A 53 -4.55 -9.22 -1.21
CA TYR A 53 -5.01 -7.86 -0.97
C TYR A 53 -4.53 -7.35 0.38
N PHE A 54 -4.23 -6.07 0.42
CA PHE A 54 -3.72 -5.43 1.61
C PHE A 54 -4.78 -4.54 2.22
N TYR A 55 -5.05 -4.75 3.49
CA TYR A 55 -6.08 -4.00 4.19
C TYR A 55 -5.44 -3.07 5.20
N TYR A 56 -6.07 -1.92 5.43
CA TYR A 56 -5.55 -0.95 6.37
C TYR A 56 -5.91 -1.36 7.80
N ILE A 57 -4.92 -1.30 8.68
CA ILE A 57 -5.09 -1.69 10.06
C ILE A 57 -5.22 -0.48 10.97
N LYS A 58 -6.44 -0.27 11.46
CA LYS A 58 -6.78 0.78 12.41
C LYS A 58 -6.25 2.17 12.09
N ARG A 59 -7.17 3.10 11.95
CA ARG A 59 -6.82 4.49 11.72
C ARG A 59 -6.73 5.23 13.05
N MET A 1 10.67 12.30 1.94
CA MET A 1 9.36 12.61 1.31
C MET A 1 8.44 11.40 1.36
N GLU A 2 9.03 10.22 1.57
CA GLU A 2 8.30 8.95 1.66
C GLU A 2 7.80 8.49 0.30
N ASP A 3 7.50 9.44 -0.58
CA ASP A 3 7.26 9.16 -2.00
C ASP A 3 6.07 8.23 -2.20
N VAL A 4 6.35 7.01 -2.63
CA VAL A 4 5.32 5.99 -2.81
C VAL A 4 4.56 5.76 -1.51
N LYS A 5 5.28 5.77 -0.39
CA LYS A 5 4.68 5.48 0.91
C LYS A 5 3.43 6.29 1.15
N GLN A 6 3.52 7.60 0.92
CA GLN A 6 2.40 8.49 1.17
C GLN A 6 1.23 8.21 0.24
N SER A 7 1.53 7.80 -0.98
CA SER A 7 0.49 7.49 -1.96
C SER A 7 -0.13 6.12 -1.68
N VAL A 8 0.73 5.15 -1.39
CA VAL A 8 0.30 3.77 -1.19
C VAL A 8 -0.66 3.64 0.00
N GLU A 9 -0.25 4.17 1.16
CA GLU A 9 -1.07 4.05 2.37
C GLU A 9 -2.41 4.73 2.17
N LYS A 10 -2.41 5.85 1.45
CA LYS A 10 -3.66 6.55 1.13
C LYS A 10 -4.59 5.66 0.32
N ILE A 11 -4.06 5.04 -0.72
CA ILE A 11 -4.89 4.22 -1.58
C ILE A 11 -5.45 3.04 -0.79
N ILE A 12 -4.62 2.48 0.09
CA ILE A 12 -5.05 1.39 0.95
C ILE A 12 -6.19 1.85 1.87
N LYS A 13 -6.06 3.04 2.42
CA LYS A 13 -7.09 3.61 3.29
C LYS A 13 -8.40 3.82 2.53
N ASP A 14 -8.27 4.44 1.36
CA ASP A 14 -9.44 4.82 0.56
C ASP A 14 -10.21 3.60 0.06
N ARG A 15 -9.48 2.58 -0.38
CA ARG A 15 -10.10 1.40 -0.98
C ARG A 15 -10.28 0.28 0.03
N GLU A 16 -9.75 0.49 1.23
CA GLU A 16 -9.85 -0.45 2.37
C GLU A 16 -9.02 -1.71 2.13
N TRP A 17 -9.41 -2.50 1.15
CA TRP A 17 -8.67 -3.69 0.77
C TRP A 17 -8.34 -3.63 -0.72
N VAL A 18 -7.06 -3.59 -1.02
CA VAL A 18 -6.62 -3.46 -2.40
C VAL A 18 -5.49 -4.45 -2.69
N THR A 19 -5.51 -5.03 -3.88
CA THR A 19 -4.46 -5.96 -4.28
C THR A 19 -3.26 -5.19 -4.83
N PHE A 20 -2.11 -5.85 -4.95
CA PHE A 20 -0.92 -5.15 -5.42
C PHE A 20 -1.14 -4.58 -6.81
N ASN A 21 -1.82 -5.35 -7.65
CA ASN A 21 -2.14 -4.90 -9.00
C ASN A 21 -3.14 -3.76 -8.95
N ASP A 22 -4.07 -3.85 -8.00
CA ASP A 22 -5.08 -2.81 -7.79
C ASP A 22 -4.39 -1.48 -7.45
N LEU A 23 -3.28 -1.58 -6.71
CA LEU A 23 -2.43 -0.42 -6.42
C LEU A 23 -1.81 0.12 -7.71
N LEU A 24 -1.18 -0.78 -8.48
CA LEU A 24 -0.46 -0.40 -9.68
C LEU A 24 -1.31 0.42 -10.64
N LYS A 25 -2.61 0.15 -10.66
CA LYS A 25 -3.52 0.86 -11.55
C LYS A 25 -3.63 2.33 -11.19
N TYR A 26 -3.33 2.67 -9.94
CA TYR A 26 -3.34 4.05 -9.48
C TYR A 26 -1.93 4.54 -9.22
N ILE A 27 -0.98 3.63 -9.29
CA ILE A 27 0.41 3.95 -8.97
C ILE A 27 1.27 3.94 -10.24
N PRO A 28 1.72 5.12 -10.69
CA PRO A 28 2.60 5.26 -11.85
C PRO A 28 4.06 5.00 -11.47
N TYR A 29 4.25 4.62 -10.23
CA TYR A 29 5.57 4.32 -9.68
C TYR A 29 5.86 2.83 -9.83
N PRO A 30 7.08 2.50 -10.26
CA PRO A 30 7.56 1.10 -10.36
C PRO A 30 7.09 0.24 -9.20
N ALA A 31 6.71 -0.99 -9.53
CA ALA A 31 6.24 -1.95 -8.55
C ALA A 31 7.23 -2.16 -7.39
N PRO A 32 8.54 -2.32 -7.67
CA PRO A 32 9.57 -2.43 -6.62
C PRO A 32 9.58 -1.24 -5.66
N GLU A 33 9.04 -0.11 -6.10
CA GLU A 33 8.96 1.09 -5.27
C GLU A 33 7.74 1.03 -4.36
N VAL A 34 6.58 0.83 -4.95
CA VAL A 34 5.33 0.79 -4.18
C VAL A 34 5.30 -0.42 -3.24
N TYR A 35 5.83 -1.55 -3.68
CA TYR A 35 5.87 -2.73 -2.83
C TYR A 35 6.82 -2.49 -1.66
N ASP A 36 7.92 -1.80 -1.95
CA ASP A 36 8.90 -1.44 -0.92
C ASP A 36 8.25 -0.51 0.08
N ALA A 37 7.56 0.50 -0.45
CA ALA A 37 6.82 1.43 0.39
C ALA A 37 5.80 0.69 1.25
N LEU A 38 5.05 -0.21 0.61
CA LEU A 38 4.07 -1.04 1.29
C LEU A 38 4.70 -1.77 2.47
N SER A 39 5.86 -2.37 2.25
CA SER A 39 6.52 -3.17 3.28
C SER A 39 6.90 -2.29 4.47
N GLN A 40 7.21 -1.03 4.19
CA GLN A 40 7.48 -0.06 5.24
C GLN A 40 6.19 0.26 5.99
N LEU A 41 5.13 0.51 5.23
CA LEU A 41 3.81 0.82 5.77
C LEU A 41 3.29 -0.32 6.64
N ILE A 42 3.51 -1.53 6.17
CA ILE A 42 3.14 -2.72 6.92
C ILE A 42 3.90 -2.78 8.24
N LYS A 43 5.18 -2.46 8.17
CA LYS A 43 6.03 -2.38 9.35
C LYS A 43 5.55 -1.27 10.30
N GLU A 44 5.00 -0.20 9.74
CA GLU A 44 4.52 0.93 10.51
C GLU A 44 3.10 0.69 11.04
N ASN A 45 2.66 -0.56 10.98
CA ASN A 45 1.34 -0.96 11.46
C ASN A 45 0.23 -0.19 10.76
N LYS A 46 0.47 0.19 9.52
CA LYS A 46 -0.51 0.88 8.72
C LYS A 46 -1.31 -0.10 7.88
N VAL A 47 -0.60 -0.87 7.06
CA VAL A 47 -1.23 -1.80 6.15
C VAL A 47 -0.86 -3.24 6.51
N GLY A 48 -1.80 -4.15 6.29
CA GLY A 48 -1.53 -5.55 6.53
C GLY A 48 -1.79 -6.38 5.30
N ARG A 49 -0.95 -7.39 5.08
CA ARG A 49 -1.12 -8.26 3.92
C ARG A 49 -2.10 -9.38 4.24
N ARG A 50 -3.06 -9.58 3.36
CA ARG A 50 -4.02 -10.64 3.52
C ARG A 50 -4.08 -11.48 2.26
N GLY A 51 -3.09 -12.34 2.08
CA GLY A 51 -3.03 -13.18 0.91
C GLY A 51 -2.66 -12.40 -0.33
N ARG A 52 -3.67 -11.98 -1.08
CA ARG A 52 -3.45 -11.22 -2.30
C ARG A 52 -3.82 -9.75 -2.13
N TYR A 53 -4.66 -9.44 -1.15
CA TYR A 53 -5.11 -8.08 -0.96
C TYR A 53 -4.56 -7.49 0.33
N PHE A 54 -4.36 -6.18 0.31
CA PHE A 54 -3.82 -5.44 1.44
C PHE A 54 -4.93 -4.64 2.10
N TYR A 55 -5.03 -4.73 3.40
CA TYR A 55 -6.06 -4.01 4.14
C TYR A 55 -5.41 -3.02 5.10
N TYR A 56 -6.07 -1.89 5.31
CA TYR A 56 -5.55 -0.91 6.23
C TYR A 56 -5.88 -1.32 7.66
N ILE A 57 -4.84 -1.55 8.45
CA ILE A 57 -4.99 -2.00 9.82
C ILE A 57 -5.59 -0.89 10.67
N LYS A 58 -6.39 -1.30 11.66
CA LYS A 58 -6.98 -0.37 12.60
C LYS A 58 -5.93 0.51 13.26
N ARG A 59 -6.27 1.76 13.52
CA ARG A 59 -5.34 2.70 14.09
C ARG A 59 -5.31 2.59 15.61
N MET A 1 5.39 14.61 -0.79
CA MET A 1 5.78 14.77 0.64
C MET A 1 6.86 13.77 1.03
N GLU A 2 6.73 12.53 0.59
CA GLU A 2 7.68 11.50 0.97
C GLU A 2 8.23 10.78 -0.25
N ASP A 3 7.38 9.95 -0.86
CA ASP A 3 7.76 9.09 -1.97
C ASP A 3 6.55 8.21 -2.29
N VAL A 4 6.80 6.99 -2.75
CA VAL A 4 5.72 6.04 -3.04
C VAL A 4 4.76 5.89 -1.86
N LYS A 5 5.30 5.99 -0.63
CA LYS A 5 4.50 5.79 0.58
C LYS A 5 3.22 6.61 0.55
N GLN A 6 3.35 7.90 0.26
CA GLN A 6 2.23 8.83 0.29
C GLN A 6 1.05 8.32 -0.55
N SER A 7 1.36 7.80 -1.72
CA SER A 7 0.34 7.23 -2.58
C SER A 7 -0.15 5.91 -2.00
N VAL A 8 0.78 5.05 -1.64
CA VAL A 8 0.45 3.71 -1.13
C VAL A 8 -0.40 3.78 0.13
N GLU A 9 0.08 4.51 1.14
CA GLU A 9 -0.59 4.59 2.42
C GLU A 9 -1.99 5.19 2.27
N LYS A 10 -2.14 6.11 1.33
CA LYS A 10 -3.42 6.75 1.09
C LYS A 10 -4.37 5.81 0.36
N ILE A 11 -3.88 5.14 -0.66
CA ILE A 11 -4.70 4.23 -1.45
C ILE A 11 -5.24 3.09 -0.61
N ILE A 12 -4.41 2.56 0.28
CA ILE A 12 -4.84 1.49 1.17
C ILE A 12 -5.93 1.99 2.12
N LYS A 13 -5.83 3.24 2.55
CA LYS A 13 -6.85 3.86 3.38
C LYS A 13 -8.12 4.12 2.57
N ASP A 14 -7.93 4.63 1.37
CA ASP A 14 -9.02 5.02 0.48
C ASP A 14 -9.83 3.82 0.01
N ARG A 15 -9.15 2.79 -0.44
CA ARG A 15 -9.80 1.62 -1.01
C ARG A 15 -10.02 0.54 0.04
N GLU A 16 -9.36 0.71 1.19
CA GLU A 16 -9.47 -0.18 2.35
C GLU A 16 -8.82 -1.53 2.10
N TRP A 17 -9.32 -2.25 1.10
CA TRP A 17 -8.72 -3.52 0.69
C TRP A 17 -8.34 -3.44 -0.78
N VAL A 18 -7.07 -3.67 -1.07
CA VAL A 18 -6.56 -3.55 -2.43
C VAL A 18 -5.55 -4.66 -2.71
N THR A 19 -5.54 -5.16 -3.94
CA THR A 19 -4.52 -6.12 -4.34
C THR A 19 -3.28 -5.39 -4.84
N PHE A 20 -2.15 -6.08 -4.96
CA PHE A 20 -0.91 -5.41 -5.34
C PHE A 20 -1.05 -4.77 -6.72
N ASN A 21 -1.71 -5.48 -7.64
CA ASN A 21 -1.92 -4.96 -8.99
C ASN A 21 -2.93 -3.82 -8.98
N ASP A 22 -3.83 -3.81 -7.99
CA ASP A 22 -4.83 -2.76 -7.85
C ASP A 22 -4.15 -1.43 -7.54
N LEU A 23 -3.05 -1.50 -6.79
CA LEU A 23 -2.24 -0.33 -6.50
C LEU A 23 -1.65 0.26 -7.78
N LEU A 24 -1.24 -0.61 -8.69
CA LEU A 24 -0.55 -0.21 -9.91
C LEU A 24 -1.45 0.64 -10.82
N LYS A 25 -2.76 0.52 -10.65
CA LYS A 25 -3.72 1.29 -11.44
C LYS A 25 -3.72 2.75 -11.00
N TYR A 26 -3.37 3.00 -9.75
CA TYR A 26 -3.37 4.35 -9.21
C TYR A 26 -1.96 4.84 -8.97
N ILE A 27 -1.00 3.92 -9.02
CA ILE A 27 0.40 4.26 -8.82
C ILE A 27 1.20 3.99 -10.10
N PRO A 28 1.62 5.06 -10.79
CA PRO A 28 2.45 4.95 -12.00
C PRO A 28 3.91 4.62 -11.67
N TYR A 29 4.20 4.51 -10.39
CA TYR A 29 5.53 4.17 -9.92
C TYR A 29 5.74 2.66 -9.98
N PRO A 30 6.91 2.24 -10.50
CA PRO A 30 7.32 0.83 -10.57
C PRO A 30 6.92 0.03 -9.33
N ALA A 31 6.50 -1.19 -9.60
CA ALA A 31 6.02 -2.11 -8.57
C ALA A 31 7.00 -2.30 -7.40
N PRO A 32 8.32 -2.48 -7.66
CA PRO A 32 9.32 -2.60 -6.58
C PRO A 32 9.29 -1.41 -5.63
N GLU A 33 8.98 -0.23 -6.16
CA GLU A 33 8.93 0.98 -5.34
C GLU A 33 7.74 0.93 -4.39
N VAL A 34 6.55 0.73 -4.95
CA VAL A 34 5.34 0.67 -4.13
C VAL A 34 5.35 -0.54 -3.21
N TYR A 35 6.00 -1.63 -3.63
CA TYR A 35 6.17 -2.80 -2.79
C TYR A 35 6.94 -2.44 -1.54
N ASP A 36 8.10 -1.86 -1.75
CA ASP A 36 8.98 -1.41 -0.67
C ASP A 36 8.24 -0.43 0.24
N ALA A 37 7.63 0.56 -0.38
CA ALA A 37 6.82 1.54 0.33
C ALA A 37 5.75 0.87 1.17
N LEU A 38 5.04 -0.06 0.54
CA LEU A 38 4.00 -0.83 1.22
C LEU A 38 4.56 -1.50 2.46
N SER A 39 5.72 -2.13 2.31
CA SER A 39 6.37 -2.84 3.40
C SER A 39 6.60 -1.92 4.59
N GLN A 40 6.83 -0.64 4.32
CA GLN A 40 7.01 0.36 5.36
C GLN A 40 5.72 0.54 6.16
N LEU A 41 4.60 0.68 5.47
CA LEU A 41 3.30 0.83 6.13
C LEU A 41 2.91 -0.45 6.84
N ILE A 42 3.22 -1.58 6.21
CA ILE A 42 2.96 -2.89 6.80
C ILE A 42 3.77 -3.07 8.09
N LYS A 43 5.03 -2.67 8.02
CA LYS A 43 5.92 -2.73 9.18
C LYS A 43 5.41 -1.85 10.32
N GLU A 44 4.79 -0.71 9.98
CA GLU A 44 4.24 0.18 10.99
C GLU A 44 2.84 -0.27 11.41
N ASN A 45 2.46 -1.47 10.99
CA ASN A 45 1.16 -2.04 11.31
C ASN A 45 0.01 -1.14 10.85
N LYS A 46 0.26 -0.40 9.78
CA LYS A 46 -0.76 0.44 9.19
C LYS A 46 -1.51 -0.33 8.13
N VAL A 47 -0.79 -1.24 7.48
CA VAL A 47 -1.37 -2.09 6.44
C VAL A 47 -1.04 -3.55 6.73
N GLY A 48 -2.00 -4.43 6.51
CA GLY A 48 -1.78 -5.84 6.70
C GLY A 48 -1.93 -6.62 5.41
N ARG A 49 -1.05 -7.58 5.19
CA ARG A 49 -1.12 -8.41 4.01
C ARG A 49 -2.01 -9.62 4.27
N ARG A 50 -3.04 -9.78 3.47
CA ARG A 50 -3.90 -10.94 3.54
C ARG A 50 -3.78 -11.74 2.25
N GLY A 51 -2.76 -12.58 2.17
CA GLY A 51 -2.56 -13.38 0.98
C GLY A 51 -2.09 -12.55 -0.20
N ARG A 52 -3.03 -12.14 -1.03
CA ARG A 52 -2.71 -11.39 -2.25
C ARG A 52 -3.24 -9.96 -2.19
N TYR A 53 -4.05 -9.66 -1.18
CA TYR A 53 -4.61 -8.33 -1.03
C TYR A 53 -4.23 -7.71 0.31
N PHE A 54 -4.27 -6.40 0.37
CA PHE A 54 -3.85 -5.66 1.55
C PHE A 54 -5.03 -4.91 2.14
N TYR A 55 -5.06 -4.83 3.47
CA TYR A 55 -6.12 -4.10 4.15
C TYR A 55 -5.51 -3.13 5.17
N TYR A 56 -6.18 -2.01 5.36
CA TYR A 56 -5.73 -1.00 6.30
C TYR A 56 -6.04 -1.43 7.73
N ILE A 57 -5.04 -1.39 8.59
CA ILE A 57 -5.20 -1.77 9.99
C ILE A 57 -5.44 -0.54 10.85
N LYS A 58 -6.44 -0.64 11.71
CA LYS A 58 -6.76 0.41 12.66
C LYS A 58 -5.56 0.77 13.52
N ARG A 59 -5.39 2.06 13.77
CA ARG A 59 -4.31 2.56 14.60
C ARG A 59 -4.75 2.59 16.06
N MET A 1 6.43 13.81 3.74
CA MET A 1 6.17 13.34 2.36
C MET A 1 7.44 12.75 1.76
N GLU A 2 7.51 11.43 1.74
CA GLU A 2 8.68 10.74 1.21
C GLU A 2 8.55 10.50 -0.29
N ASP A 3 7.84 9.44 -0.67
CA ASP A 3 7.66 9.11 -2.08
C ASP A 3 6.43 8.23 -2.27
N VAL A 4 6.63 7.02 -2.81
CA VAL A 4 5.55 6.07 -3.05
C VAL A 4 4.68 5.87 -1.83
N LYS A 5 5.30 5.82 -0.65
CA LYS A 5 4.59 5.54 0.58
C LYS A 5 3.35 6.40 0.71
N GLN A 6 3.49 7.68 0.36
CA GLN A 6 2.40 8.64 0.50
C GLN A 6 1.21 8.28 -0.38
N SER A 7 1.48 7.76 -1.57
CA SER A 7 0.42 7.35 -2.48
C SER A 7 -0.13 6.00 -2.07
N VAL A 8 0.78 5.12 -1.67
CA VAL A 8 0.42 3.77 -1.24
C VAL A 8 -0.51 3.79 -0.03
N GLU A 9 -0.06 4.43 1.04
CA GLU A 9 -0.82 4.46 2.29
C GLU A 9 -2.20 5.05 2.07
N LYS A 10 -2.28 6.03 1.18
CA LYS A 10 -3.55 6.68 0.87
C LYS A 10 -4.52 5.71 0.24
N ILE A 11 -4.07 4.98 -0.78
CA ILE A 11 -4.96 4.11 -1.51
C ILE A 11 -5.45 2.96 -0.62
N ILE A 12 -4.55 2.48 0.23
CA ILE A 12 -4.89 1.43 1.19
C ILE A 12 -5.96 1.95 2.17
N LYS A 13 -5.81 3.20 2.58
CA LYS A 13 -6.76 3.82 3.49
C LYS A 13 -8.07 4.16 2.79
N ASP A 14 -7.96 4.51 1.51
CA ASP A 14 -9.12 4.88 0.72
C ASP A 14 -10.01 3.68 0.42
N ARG A 15 -9.42 2.59 -0.03
CA ARG A 15 -10.18 1.42 -0.46
C ARG A 15 -10.30 0.39 0.65
N GLU A 16 -9.40 0.47 1.63
CA GLU A 16 -9.33 -0.47 2.75
C GLU A 16 -8.79 -1.83 2.31
N TRP A 17 -9.36 -2.39 1.24
CA TRP A 17 -8.88 -3.67 0.69
C TRP A 17 -8.51 -3.49 -0.78
N VAL A 18 -7.23 -3.56 -1.07
CA VAL A 18 -6.72 -3.38 -2.43
C VAL A 18 -5.64 -4.41 -2.74
N THR A 19 -5.64 -4.91 -3.96
CA THR A 19 -4.63 -5.85 -4.40
C THR A 19 -3.42 -5.09 -4.94
N PHE A 20 -2.23 -5.69 -4.84
CA PHE A 20 -1.04 -5.03 -5.35
C PHE A 20 -1.17 -4.77 -6.84
N ASN A 21 -1.85 -5.68 -7.53
CA ASN A 21 -2.07 -5.55 -8.95
C ASN A 21 -3.01 -4.39 -9.26
N ASP A 22 -3.88 -4.03 -8.32
CA ASP A 22 -4.79 -2.91 -8.53
C ASP A 22 -4.11 -1.60 -8.15
N LEU A 23 -3.15 -1.68 -7.24
CA LEU A 23 -2.34 -0.52 -6.87
C LEU A 23 -1.66 0.07 -8.09
N LEU A 24 -1.14 -0.81 -8.95
CA LEU A 24 -0.39 -0.40 -10.13
C LEU A 24 -1.22 0.47 -11.08
N LYS A 25 -2.54 0.40 -10.96
CA LYS A 25 -3.41 1.21 -11.80
C LYS A 25 -3.44 2.65 -11.32
N TYR A 26 -3.23 2.84 -10.03
CA TYR A 26 -3.26 4.16 -9.43
C TYR A 26 -1.84 4.64 -9.11
N ILE A 27 -0.92 3.70 -9.10
CA ILE A 27 0.48 3.98 -8.83
C ILE A 27 1.30 3.87 -10.12
N PRO A 28 1.75 5.00 -10.66
CA PRO A 28 2.59 5.02 -11.87
C PRO A 28 4.06 4.72 -11.54
N TYR A 29 4.31 4.50 -10.26
CA TYR A 29 5.64 4.18 -9.77
C TYR A 29 5.90 2.69 -9.87
N PRO A 30 7.11 2.32 -10.34
CA PRO A 30 7.57 0.93 -10.42
C PRO A 30 7.07 0.06 -9.27
N ALA A 31 6.67 -1.16 -9.62
CA ALA A 31 6.14 -2.12 -8.66
C ALA A 31 7.08 -2.34 -7.46
N PRO A 32 8.41 -2.52 -7.67
CA PRO A 32 9.36 -2.64 -6.55
C PRO A 32 9.28 -1.45 -5.58
N GLU A 33 9.02 -0.27 -6.13
CA GLU A 33 8.94 0.94 -5.33
C GLU A 33 7.74 0.91 -4.39
N VAL A 34 6.56 0.74 -4.97
CA VAL A 34 5.32 0.71 -4.18
C VAL A 34 5.30 -0.52 -3.26
N TYR A 35 5.94 -1.61 -3.69
CA TYR A 35 6.02 -2.81 -2.86
C TYR A 35 6.81 -2.52 -1.59
N ASP A 36 7.98 -1.92 -1.77
CA ASP A 36 8.84 -1.54 -0.65
C ASP A 36 8.15 -0.51 0.22
N ALA A 37 7.56 0.48 -0.43
CA ALA A 37 6.80 1.52 0.25
C ALA A 37 5.68 0.91 1.07
N LEU A 38 4.96 -0.04 0.48
CA LEU A 38 3.91 -0.77 1.18
C LEU A 38 4.45 -1.38 2.47
N SER A 39 5.62 -2.00 2.35
CA SER A 39 6.27 -2.66 3.48
C SER A 39 6.51 -1.66 4.61
N GLN A 40 6.78 -0.41 4.25
CA GLN A 40 6.98 0.65 5.24
C GLN A 40 5.73 0.86 6.09
N LEU A 41 4.57 0.87 5.46
CA LEU A 41 3.32 1.04 6.21
C LEU A 41 2.96 -0.25 6.94
N ILE A 42 3.34 -1.38 6.34
CA ILE A 42 3.09 -2.69 6.94
C ILE A 42 3.85 -2.84 8.25
N LYS A 43 5.15 -2.53 8.23
CA LYS A 43 5.98 -2.65 9.43
C LYS A 43 5.53 -1.67 10.52
N GLU A 44 4.84 -0.60 10.12
CA GLU A 44 4.33 0.38 11.08
C GLU A 44 2.93 -0.02 11.55
N ASN A 45 2.54 -1.26 11.23
CA ASN A 45 1.25 -1.82 11.65
C ASN A 45 0.08 -1.00 11.11
N LYS A 46 0.28 -0.38 9.96
CA LYS A 46 -0.76 0.41 9.33
C LYS A 46 -1.46 -0.39 8.24
N VAL A 47 -0.70 -1.26 7.58
CA VAL A 47 -1.24 -2.08 6.52
C VAL A 47 -0.88 -3.55 6.75
N GLY A 48 -1.83 -4.43 6.52
CA GLY A 48 -1.58 -5.85 6.65
C GLY A 48 -1.78 -6.57 5.34
N ARG A 49 -0.93 -7.55 5.05
CA ARG A 49 -1.03 -8.30 3.82
C ARG A 49 -1.93 -9.51 4.01
N ARG A 50 -2.98 -9.60 3.21
CA ARG A 50 -3.87 -10.74 3.26
C ARG A 50 -3.82 -11.45 1.91
N GLY A 51 -2.70 -12.08 1.63
CA GLY A 51 -2.52 -12.77 0.37
C GLY A 51 -2.20 -11.81 -0.76
N ARG A 52 -3.19 -11.56 -1.60
CA ARG A 52 -3.01 -10.67 -2.75
C ARG A 52 -3.59 -9.29 -2.45
N TYR A 53 -4.47 -9.21 -1.46
CA TYR A 53 -5.09 -7.94 -1.10
C TYR A 53 -4.58 -7.46 0.24
N PHE A 54 -4.38 -6.16 0.33
CA PHE A 54 -3.86 -5.53 1.52
C PHE A 54 -4.94 -4.73 2.20
N TYR A 55 -4.95 -4.77 3.52
CA TYR A 55 -5.97 -4.09 4.29
C TYR A 55 -5.35 -3.13 5.30
N TYR A 56 -6.07 -2.05 5.55
CA TYR A 56 -5.64 -1.07 6.53
C TYR A 56 -5.92 -1.57 7.94
N ILE A 57 -4.90 -1.50 8.80
CA ILE A 57 -5.04 -1.96 10.16
C ILE A 57 -5.42 -0.80 11.07
N LYS A 58 -6.37 -1.06 11.96
CA LYS A 58 -6.80 -0.11 12.96
C LYS A 58 -5.61 0.41 13.78
N ARG A 59 -5.49 1.72 13.88
CA ARG A 59 -4.42 2.33 14.63
C ARG A 59 -4.95 2.92 15.93
#